data_4XTI
#
_entry.id   4XTI
#
_cell.length_a   117.775
_cell.length_b   117.775
_cell.length_c   56.728
_cell.angle_alpha   90.00
_cell.angle_beta   90.00
_cell.angle_gamma   90.00
#
_symmetry.space_group_name_H-M   'P 4'
#
loop_
_entity.id
_entity.type
_entity.pdbx_description
1 polymer "Inosine-5'-monophosphate dehydrogenase,Inosine-5'-monophosphate dehydrogenase"
2 non-polymer 'INOSINIC ACID'
3 non-polymer 'POTASSIUM ION'
4 water water
#
_entity_poly.entity_id   1
_entity_poly.type   'polypeptide(L)'
_entity_poly.pdbx_seq_one_letter_code
;GSHMTYRDAATALEHLATYAEKDGLSVEQLMDSKTRGGLTYNDFLVLPGKIDFPSSEVVLSSRLTKKITLNAPFVSSPMD
TVTEADMAIHMALLGGIGIIHHNCTAEEQAEMVRRVKKYENGSQDGPLASKSADTKQLLCGAAIGTIDADRQRLAMLVEA
GLDVVVLDSSQGNSVFQINMIKWIKETFPDLQVIAGNVVTREQAASLIHAGADGLRIGMGSGSICITQEVMACGRPQGTA
VYNVTQFANQFGVPCIADGGVQNIGHITKAIALGASTVMMGGMLAGTTESPGEYFFRDGKRLKTYRGMGSIDAMQKTDVK
GNAATSRYFSESDKVLVAQGVTGSVIDKGSIKKYIPYLYNGLQHSCQDIGVRSLVEFREKVDSGSVRFEFRTPSAQLEGG
VHNLHSYEKRLFD
;
_entity_poly.pdbx_strand_id   A,B
#
loop_
_chem_comp.id
_chem_comp.type
_chem_comp.name
_chem_comp.formula
IMP non-polymer 'INOSINIC ACID' 'C10 H13 N4 O8 P'
K non-polymer 'POTASSIUM ION' 'K 1'
#
# COMPACT_ATOMS: atom_id res chain seq x y z
N TYR A 6 -18.65 47.06 31.70
CA TYR A 6 -18.02 45.88 31.10
C TYR A 6 -18.69 45.50 29.79
N ARG A 7 -18.04 44.60 29.06
CA ARG A 7 -18.59 44.10 27.80
C ARG A 7 -19.65 43.03 28.05
N ASP A 8 -20.59 42.92 27.13
CA ASP A 8 -21.63 41.91 27.21
C ASP A 8 -21.04 40.53 26.93
N ALA A 9 -21.35 39.56 27.80
CA ALA A 9 -20.80 38.22 27.69
C ALA A 9 -21.18 37.57 26.36
N ALA A 10 -22.30 38.00 25.80
CA ALA A 10 -22.80 37.44 24.55
C ALA A 10 -21.86 37.76 23.38
N THR A 11 -21.03 38.78 23.56
CA THR A 11 -20.13 39.23 22.50
C THR A 11 -18.71 38.66 22.68
N ALA A 12 -18.56 37.75 23.63
CA ALA A 12 -17.25 37.23 24.00
C ALA A 12 -16.52 36.58 22.84
N LEU A 13 -17.22 35.68 22.14
CA LEU A 13 -16.64 34.98 21.02
C LEU A 13 -16.36 35.92 19.86
N GLU A 14 -17.26 36.87 19.67
CA GLU A 14 -17.11 37.86 18.61
C GLU A 14 -15.90 38.74 18.87
N HIS A 15 -15.69 39.09 20.13
CA HIS A 15 -14.62 40.01 20.51
C HIS A 15 -13.24 39.44 20.21
N LEU A 16 -13.16 38.12 20.09
CA LEU A 16 -11.89 37.48 19.76
C LEU A 16 -11.33 37.99 18.43
N ALA A 17 -12.24 38.43 17.56
CA ALA A 17 -11.85 38.93 16.25
C ALA A 17 -11.12 40.27 16.36
N THR A 18 -11.26 40.94 17.50
CA THR A 18 -10.58 42.22 17.70
C THR A 18 -9.08 41.99 17.89
N TYR A 19 -8.69 40.73 18.05
CA TYR A 19 -7.29 40.38 18.24
C TYR A 19 -6.65 40.00 16.93
N ALA A 20 -5.41 40.45 16.73
CA ALA A 20 -4.70 40.25 15.48
C ALA A 20 -4.49 38.77 15.18
N GLU A 21 -4.18 37.99 16.20
CA GLU A 21 -3.93 36.57 16.05
C GLU A 21 -4.38 35.80 17.29
N LYS A 22 -4.45 34.48 17.16
CA LYS A 22 -4.83 33.62 18.29
C LYS A 22 -3.85 33.76 19.43
N ASP A 23 -4.32 33.42 20.63
CA ASP A 23 -3.46 33.41 21.80
C ASP A 23 -2.39 32.34 21.63
N GLY A 24 -1.17 32.65 22.03
CA GLY A 24 -0.05 31.73 21.89
C GLY A 24 0.63 31.86 20.53
N LEU A 25 1.54 30.94 20.25
CA LEU A 25 2.35 30.99 19.04
C LEU A 25 2.02 29.87 18.06
N SER A 26 2.15 30.16 16.77
CA SER A 26 2.09 29.12 15.75
C SER A 26 3.41 28.37 15.76
N VAL A 27 3.45 27.21 15.10
CA VAL A 27 4.65 26.38 15.09
C VAL A 27 5.79 27.11 14.38
N GLU A 28 5.45 27.91 13.37
CA GLU A 28 6.45 28.68 12.64
C GLU A 28 7.09 29.71 13.56
N GLN A 29 6.25 30.44 14.29
CA GLN A 29 6.70 31.44 15.24
C GLN A 29 7.54 30.79 16.35
N LEU A 30 7.12 29.61 16.78
CA LEU A 30 7.84 28.86 17.80
C LEU A 30 9.24 28.53 17.30
N MET A 31 9.33 28.12 16.04
CA MET A 31 10.60 27.76 15.42
C MET A 31 11.10 28.88 14.51
N GLY A 37 16.82 29.94 19.44
CA GLY A 37 16.79 28.69 18.69
C GLY A 37 17.53 27.58 19.40
N GLY A 38 17.50 26.39 18.80
CA GLY A 38 18.20 25.25 19.36
C GLY A 38 17.47 24.59 20.53
N LEU A 39 16.14 24.63 20.48
CA LEU A 39 15.32 24.07 21.55
C LEU A 39 14.92 22.62 21.27
N THR A 40 14.42 21.95 22.32
CA THR A 40 13.90 20.60 22.18
C THR A 40 12.57 20.48 22.92
N TYR A 41 12.13 19.25 23.16
CA TYR A 41 10.77 18.97 23.64
C TYR A 41 10.39 19.71 24.93
N ASN A 42 11.25 19.65 25.93
CA ASN A 42 10.93 20.22 27.24
C ASN A 42 10.87 21.75 27.24
N ASP A 43 11.28 22.37 26.14
CA ASP A 43 11.36 23.82 26.07
C ASP A 43 10.05 24.51 25.71
N PHE A 44 8.99 23.74 25.49
CA PHE A 44 7.72 24.34 25.10
C PHE A 44 6.51 23.46 25.43
N LEU A 45 5.33 24.07 25.30
CA LEU A 45 4.06 23.39 25.51
C LEU A 45 3.13 23.61 24.34
N VAL A 46 2.14 22.75 24.20
CA VAL A 46 1.03 22.99 23.29
C VAL A 46 -0.13 23.53 24.10
N LEU A 47 -0.79 24.57 23.61
CA LEU A 47 -1.91 25.15 24.32
C LEU A 47 -3.18 24.34 24.10
N PRO A 48 -4.02 24.21 25.15
CA PRO A 48 -5.26 23.45 25.00
C PRO A 48 -6.26 24.14 24.07
N GLY A 49 -7.11 23.35 23.44
CA GLY A 49 -8.10 23.87 22.51
C GLY A 49 -9.51 23.63 22.99
N LYS A 50 -10.37 23.18 22.09
CA LYS A 50 -11.79 22.96 22.39
C LYS A 50 -12.11 21.47 22.35
N ILE A 51 -12.69 20.98 23.43
CA ILE A 51 -13.11 19.59 23.52
C ILE A 51 -14.58 19.44 23.13
N ASP A 52 -14.83 18.78 22.01
CA ASP A 52 -16.18 18.45 21.62
C ASP A 52 -16.23 17.01 21.11
N PHE A 53 -15.48 16.16 21.79
CA PHE A 53 -15.46 14.72 21.50
C PHE A 53 -14.76 13.97 22.64
N PRO A 54 -15.06 12.67 22.78
CA PRO A 54 -14.38 11.83 23.78
C PRO A 54 -12.98 11.41 23.31
N SER A 55 -12.08 11.12 24.25
CA SER A 55 -10.72 10.75 23.91
C SER A 55 -10.70 9.43 23.14
N SER A 56 -11.69 8.59 23.38
CA SER A 56 -11.78 7.30 22.71
C SER A 56 -11.99 7.45 21.21
N GLU A 57 -12.41 8.63 20.80
CA GLU A 57 -12.67 8.91 19.40
C GLU A 57 -11.39 9.24 18.64
N VAL A 58 -10.31 9.48 19.37
CA VAL A 58 -9.04 9.86 18.77
C VAL A 58 -8.38 8.69 18.03
N VAL A 59 -8.02 8.93 16.76
CA VAL A 59 -7.35 7.94 15.92
C VAL A 59 -5.84 8.22 15.86
N LEU A 60 -5.04 7.20 16.08
CA LEU A 60 -3.59 7.35 16.13
C LEU A 60 -2.86 6.60 15.02
N SER A 61 -3.52 6.42 13.89
CA SER A 61 -2.89 5.82 12.72
C SER A 61 -1.74 6.70 12.23
N SER A 62 -0.63 6.07 11.87
CA SER A 62 0.59 6.79 11.53
C SER A 62 1.39 6.12 10.42
N ARG A 63 1.91 6.93 9.50
CA ARG A 63 2.75 6.43 8.42
C ARG A 63 4.14 6.12 8.93
N LEU A 64 4.56 4.86 8.81
CA LEU A 64 5.93 4.48 9.12
C LEU A 64 6.82 4.78 7.93
N THR A 65 6.37 4.35 6.75
CA THR A 65 7.05 4.62 5.50
C THR A 65 6.02 5.02 4.44
N LYS A 66 6.46 5.20 3.20
CA LYS A 66 5.57 5.60 2.12
C LYS A 66 4.39 4.67 1.96
N LYS A 67 4.64 3.36 2.13
CA LYS A 67 3.64 2.34 1.86
C LYS A 67 3.23 1.55 3.11
N ILE A 68 3.82 1.88 4.25
CA ILE A 68 3.49 1.21 5.51
C ILE A 68 2.90 2.19 6.52
N THR A 69 1.69 1.87 6.99
CA THR A 69 1.01 2.67 7.99
C THR A 69 0.70 1.83 9.23
N LEU A 70 1.02 2.38 10.40
CA LEU A 70 0.73 1.72 11.67
C LEU A 70 -0.51 2.32 12.31
N ASN A 71 -1.10 1.59 13.25
CA ASN A 71 -2.24 2.09 14.03
C ASN A 71 -1.76 2.88 15.24
N ALA A 72 -0.47 2.77 15.53
CA ALA A 72 0.14 3.51 16.64
C ALA A 72 1.53 3.97 16.22
N PRO A 73 1.90 5.22 16.57
CA PRO A 73 3.19 5.77 16.14
C PRO A 73 4.37 5.32 17.01
N PHE A 74 4.33 4.06 17.46
CA PHE A 74 5.35 3.54 18.37
C PHE A 74 6.28 2.56 17.66
N VAL A 75 7.57 2.85 17.75
CA VAL A 75 8.60 1.99 17.17
C VAL A 75 9.67 1.69 18.21
N SER A 76 9.99 0.42 18.40
CA SER A 76 11.06 0.07 19.32
C SER A 76 12.40 0.14 18.59
N SER A 77 13.38 0.75 19.25
CA SER A 77 14.68 1.02 18.65
C SER A 77 15.50 -0.25 18.40
N PRO A 78 16.30 -0.26 17.31
CA PRO A 78 17.18 -1.42 17.08
C PRO A 78 18.41 -1.42 17.98
N MET A 79 18.23 -1.91 19.20
CA MET A 79 19.31 -2.01 20.18
C MET A 79 19.23 -3.37 20.86
N ASP A 80 20.39 -3.94 21.20
CA ASP A 80 20.43 -5.30 21.71
C ASP A 80 19.93 -5.41 23.15
N THR A 81 19.56 -4.29 23.74
CA THR A 81 18.95 -4.28 25.07
C THR A 81 17.50 -3.82 25.00
N VAL A 82 16.95 -3.77 23.79
CA VAL A 82 15.58 -3.29 23.58
C VAL A 82 14.75 -4.24 22.72
N THR A 83 15.22 -4.51 21.50
CA THR A 83 14.38 -5.19 20.51
C THR A 83 14.99 -6.46 19.91
N GLU A 84 14.43 -7.60 20.31
CA GLU A 84 14.62 -8.86 19.61
C GLU A 84 13.23 -9.38 19.24
N ALA A 85 13.10 -10.67 18.98
CA ALA A 85 11.83 -11.22 18.50
C ALA A 85 10.67 -10.97 19.45
N ASP A 86 10.91 -11.15 20.75
CA ASP A 86 9.86 -11.00 21.76
C ASP A 86 9.27 -9.59 21.74
N MET A 87 10.15 -8.59 21.68
CA MET A 87 9.73 -7.20 21.60
C MET A 87 9.00 -6.93 20.29
N ALA A 88 9.59 -7.37 19.19
CA ALA A 88 9.04 -7.12 17.86
C ALA A 88 7.64 -7.70 17.70
N ILE A 89 7.44 -8.89 18.24
CA ILE A 89 6.14 -9.55 18.16
C ILE A 89 5.08 -8.72 18.87
N HIS A 90 5.36 -8.37 20.12
CA HIS A 90 4.38 -7.70 20.95
C HIS A 90 4.19 -6.25 20.55
N MET A 91 5.22 -5.65 19.95
CA MET A 91 5.09 -4.30 19.42
C MET A 91 4.12 -4.30 18.23
N ALA A 92 4.23 -5.31 17.39
CA ALA A 92 3.35 -5.44 16.22
C ALA A 92 1.93 -5.74 16.66
N LEU A 93 1.78 -6.60 17.65
CA LEU A 93 0.47 -6.98 18.16
C LEU A 93 -0.29 -5.77 18.72
N LEU A 94 0.44 -4.81 19.26
CA LEU A 94 -0.17 -3.67 19.94
C LEU A 94 -0.31 -2.44 19.04
N GLY A 95 -0.14 -2.65 17.74
CA GLY A 95 -0.36 -1.59 16.77
C GLY A 95 0.88 -0.79 16.40
N GLY A 96 2.02 -1.17 16.97
CA GLY A 96 3.29 -0.54 16.63
C GLY A 96 4.13 -1.45 15.77
N ILE A 97 5.44 -1.36 15.91
CA ILE A 97 6.36 -2.23 15.20
C ILE A 97 7.71 -2.21 15.90
N GLY A 98 8.47 -3.29 15.73
CA GLY A 98 9.81 -3.37 16.29
C GLY A 98 10.87 -3.48 15.21
N ILE A 99 12.01 -2.84 15.46
CA ILE A 99 13.16 -2.94 14.58
C ILE A 99 14.21 -3.80 15.25
N ILE A 100 14.43 -4.99 14.70
CA ILE A 100 15.37 -5.94 15.29
C ILE A 100 16.81 -5.49 15.06
N HIS A 101 17.63 -5.58 16.11
CA HIS A 101 19.01 -5.13 16.06
C HIS A 101 19.87 -6.08 15.23
N HIS A 102 21.05 -5.61 14.84
CA HIS A 102 21.98 -6.43 14.05
C HIS A 102 23.32 -6.58 14.76
N ASN A 103 23.30 -6.42 16.07
CA ASN A 103 24.49 -6.73 16.88
C ASN A 103 24.53 -8.24 17.12
N CYS A 104 24.57 -8.97 16.01
CA CYS A 104 24.49 -10.42 16.04
C CYS A 104 24.76 -10.92 14.62
N THR A 105 24.93 -12.23 14.47
CA THR A 105 25.22 -12.78 13.16
C THR A 105 24.01 -12.65 12.25
N ALA A 106 24.25 -12.68 10.94
CA ALA A 106 23.16 -12.57 9.96
C ALA A 106 22.20 -13.74 10.10
N GLU A 107 22.73 -14.90 10.51
CA GLU A 107 21.92 -16.09 10.71
C GLU A 107 21.04 -15.93 11.94
N GLU A 108 21.60 -15.34 12.99
CA GLU A 108 20.88 -15.10 14.23
C GLU A 108 19.76 -14.08 14.03
N GLN A 109 20.04 -13.02 13.28
CA GLN A 109 19.06 -11.97 13.04
C GLN A 109 17.89 -12.50 12.21
N ALA A 110 18.20 -13.25 11.16
CA ALA A 110 17.18 -13.80 10.28
C ALA A 110 16.23 -14.73 11.04
N GLU A 111 16.78 -15.45 12.01
CA GLU A 111 15.99 -16.34 12.83
C GLU A 111 14.95 -15.55 13.63
N MET A 112 15.38 -14.42 14.17
CA MET A 112 14.49 -13.57 14.94
C MET A 112 13.36 -13.03 14.05
N VAL A 113 13.70 -12.71 12.81
CA VAL A 113 12.69 -12.23 11.86
C VAL A 113 11.67 -13.32 11.57
N ARG A 114 12.15 -14.54 11.34
CA ARG A 114 11.27 -15.67 11.06
C ARG A 114 10.35 -15.93 12.23
N ARG A 115 10.87 -15.78 13.44
CA ARG A 115 10.08 -15.98 14.65
C ARG A 115 8.89 -15.02 14.66
N VAL A 116 9.13 -13.78 14.23
CA VAL A 116 8.07 -12.78 14.18
C VAL A 116 7.08 -13.10 13.08
N LYS A 117 7.61 -13.42 11.89
CA LYS A 117 6.78 -13.63 10.71
C LYS A 117 5.99 -14.95 10.79
N LYS A 118 6.51 -15.92 11.55
CA LYS A 118 5.88 -17.23 11.67
C LYS A 118 4.96 -17.29 12.88
N TYR A 119 4.86 -16.19 13.62
CA TYR A 119 4.05 -16.14 14.82
C TYR A 119 2.57 -16.36 14.52
N LEU A 128 -6.12 -3.79 15.77
CA LEU A 128 -5.07 -2.78 15.83
C LEU A 128 -3.70 -3.36 15.45
N ALA A 129 -3.56 -4.67 15.60
CA ALA A 129 -2.32 -5.38 15.33
C ALA A 129 -1.74 -5.04 13.95
N SER A 130 -0.43 -4.87 13.90
CA SER A 130 0.25 -4.55 12.64
C SER A 130 0.53 -5.83 11.86
N LYS A 131 -0.24 -6.02 10.79
CA LYS A 131 -0.15 -7.23 9.97
C LYS A 131 -0.12 -6.90 8.47
N SER A 132 0.42 -7.82 7.69
CA SER A 132 0.46 -7.67 6.24
C SER A 132 -0.95 -7.82 5.68
N ALA A 133 -1.21 -7.16 4.56
CA ALA A 133 -2.55 -7.18 3.97
C ALA A 133 -2.81 -8.49 3.22
N ASP A 134 -1.75 -9.17 2.82
CA ASP A 134 -1.87 -10.36 1.98
C ASP A 134 -1.79 -11.67 2.77
N THR A 135 -0.82 -11.75 3.68
CA THR A 135 -0.61 -12.99 4.43
C THR A 135 -1.12 -12.89 5.87
N LYS A 136 -1.49 -11.68 6.29
CA LYS A 136 -1.97 -11.44 7.64
C LYS A 136 -0.92 -11.75 8.70
N GLN A 137 0.32 -11.81 8.26
CA GLN A 137 1.45 -12.04 9.18
C GLN A 137 1.86 -10.73 9.84
N LEU A 138 2.41 -10.83 11.04
CA LEU A 138 2.87 -9.65 11.77
C LEU A 138 3.95 -8.91 11.00
N LEU A 139 3.88 -7.59 11.02
CA LEU A 139 4.89 -6.76 10.38
C LEU A 139 6.17 -6.80 11.19
N CYS A 140 7.30 -6.84 10.50
CA CYS A 140 8.60 -6.91 11.15
C CYS A 140 9.62 -6.00 10.48
N GLY A 141 10.36 -5.27 11.31
CA GLY A 141 11.45 -4.43 10.84
C GLY A 141 12.78 -4.96 11.36
N ALA A 142 13.87 -4.54 10.73
CA ALA A 142 15.20 -4.96 11.15
C ALA A 142 16.23 -3.92 10.73
N ALA A 143 17.34 -3.87 11.46
CA ALA A 143 18.41 -2.93 11.18
C ALA A 143 19.60 -3.63 10.51
N ILE A 144 20.36 -2.89 9.71
CA ILE A 144 21.62 -3.39 9.17
C ILE A 144 22.64 -2.26 9.05
N GLY A 145 23.91 -2.62 8.95
CA GLY A 145 24.96 -1.66 8.67
C GLY A 145 24.96 -1.33 7.18
N THR A 146 25.93 -0.52 6.76
CA THR A 146 26.01 -0.08 5.36
C THR A 146 27.29 -0.56 4.69
N ILE A 147 27.86 -1.66 5.20
CA ILE A 147 29.05 -2.24 4.59
C ILE A 147 28.64 -3.36 3.62
N ASP A 148 29.61 -3.85 2.86
CA ASP A 148 29.34 -4.85 1.83
C ASP A 148 28.79 -6.15 2.41
N ALA A 149 29.23 -6.47 3.62
CA ALA A 149 28.80 -7.69 4.28
C ALA A 149 27.31 -7.70 4.60
N ASP A 150 26.73 -6.51 4.77
CA ASP A 150 25.31 -6.40 5.10
C ASP A 150 24.40 -6.65 3.89
N ARG A 151 24.99 -6.70 2.70
CA ARG A 151 24.22 -7.02 1.50
C ARG A 151 23.67 -8.44 1.59
N GLN A 152 24.54 -9.38 1.96
CA GLN A 152 24.14 -10.77 2.13
C GLN A 152 23.21 -10.90 3.34
N ARG A 153 23.53 -10.16 4.40
CA ARG A 153 22.72 -10.13 5.60
C ARG A 153 21.28 -9.81 5.24
N LEU A 154 21.09 -8.74 4.47
CA LEU A 154 19.76 -8.30 4.09
C LEU A 154 19.02 -9.36 3.31
N ALA A 155 19.72 -9.99 2.37
CA ALA A 155 19.14 -11.03 1.54
C ALA A 155 18.55 -12.13 2.41
N MET A 156 19.25 -12.43 3.49
CA MET A 156 18.79 -13.45 4.43
C MET A 156 17.56 -12.97 5.18
N LEU A 157 17.54 -11.70 5.55
CA LEU A 157 16.41 -11.11 6.26
C LEU A 157 15.18 -11.06 5.37
N VAL A 158 15.39 -10.75 4.10
CA VAL A 158 14.30 -10.69 3.14
C VAL A 158 13.69 -12.07 2.95
N GLU A 159 14.54 -13.09 2.92
CA GLU A 159 14.09 -14.46 2.80
C GLU A 159 13.24 -14.85 4.00
N ALA A 160 13.54 -14.25 5.15
CA ALA A 160 12.82 -14.53 6.40
C ALA A 160 11.48 -13.82 6.44
N GLY A 161 11.25 -12.89 5.52
CA GLY A 161 9.97 -12.21 5.40
C GLY A 161 10.00 -10.80 5.96
N LEU A 162 11.17 -10.18 5.93
CA LEU A 162 11.31 -8.82 6.43
C LEU A 162 10.42 -7.88 5.64
N ASP A 163 9.78 -6.95 6.35
CA ASP A 163 8.85 -6.00 5.74
C ASP A 163 9.48 -4.64 5.52
N VAL A 164 10.40 -4.26 6.40
CA VAL A 164 11.05 -2.96 6.33
C VAL A 164 12.45 -3.02 6.92
N VAL A 165 13.40 -2.34 6.28
CA VAL A 165 14.77 -2.31 6.75
C VAL A 165 15.17 -0.90 7.20
N VAL A 166 15.90 -0.84 8.30
CA VAL A 166 16.44 0.41 8.81
C VAL A 166 17.96 0.42 8.63
N LEU A 167 18.44 1.40 7.89
CA LEU A 167 19.88 1.59 7.74
C LEU A 167 20.40 2.33 8.97
N ASP A 168 21.10 1.58 9.83
CA ASP A 168 21.45 2.03 11.17
C ASP A 168 22.78 2.78 11.19
N SER A 169 22.71 4.09 11.41
CA SER A 169 23.89 4.92 11.46
C SER A 169 23.63 6.19 12.25
N SER A 170 24.65 6.69 12.93
CA SER A 170 24.54 7.95 13.66
C SER A 170 24.55 9.11 12.68
N GLN A 171 25.17 8.89 11.52
CA GLN A 171 25.27 9.91 10.48
C GLN A 171 24.95 9.25 9.14
N GLY A 172 23.70 9.36 8.73
CA GLY A 172 23.20 8.62 7.58
C GLY A 172 23.53 9.23 6.24
N ASN A 173 23.95 10.50 6.21
CA ASN A 173 24.28 11.16 4.95
C ASN A 173 25.67 10.81 4.47
N SER A 174 25.81 9.60 3.93
CA SER A 174 27.10 9.12 3.45
C SER A 174 26.97 8.40 2.11
N VAL A 175 28.07 8.38 1.37
CA VAL A 175 28.12 7.73 0.08
C VAL A 175 27.82 6.25 0.28
N PHE A 176 28.32 5.69 1.38
CA PHE A 176 28.08 4.28 1.65
C PHE A 176 26.58 4.00 1.83
N GLN A 177 25.89 4.83 2.60
CA GLN A 177 24.46 4.65 2.81
C GLN A 177 23.68 4.91 1.53
N ILE A 178 24.07 5.96 0.81
CA ILE A 178 23.42 6.34 -0.44
C ILE A 178 23.48 5.19 -1.44
N ASN A 179 24.65 4.57 -1.58
CA ASN A 179 24.80 3.44 -2.48
C ASN A 179 24.00 2.23 -1.99
N MET A 180 23.94 2.06 -0.67
CA MET A 180 23.18 0.97 -0.09
C MET A 180 21.70 1.13 -0.41
N ILE A 181 21.19 2.35 -0.28
CA ILE A 181 19.79 2.65 -0.61
C ILE A 181 19.51 2.31 -2.06
N LYS A 182 20.36 2.85 -2.94
CA LYS A 182 20.19 2.66 -4.38
C LYS A 182 20.17 1.17 -4.74
N TRP A 183 21.04 0.40 -4.09
CA TRP A 183 21.13 -1.04 -4.35
C TRP A 183 19.89 -1.80 -3.91
N ILE A 184 19.35 -1.44 -2.75
CA ILE A 184 18.18 -2.12 -2.21
C ILE A 184 16.95 -1.87 -3.09
N LYS A 185 16.76 -0.61 -3.51
CA LYS A 185 15.61 -0.27 -4.33
C LYS A 185 15.61 -1.02 -5.65
N GLU A 186 16.80 -1.29 -6.18
CA GLU A 186 16.93 -2.02 -7.43
C GLU A 186 16.74 -3.51 -7.20
N THR A 187 17.37 -4.03 -6.14
CA THR A 187 17.38 -5.45 -5.86
C THR A 187 16.09 -5.93 -5.20
N PHE A 188 15.61 -5.15 -4.23
CA PHE A 188 14.39 -5.48 -3.49
C PHE A 188 13.37 -4.35 -3.60
N PRO A 189 12.72 -4.23 -4.75
CA PRO A 189 11.76 -3.13 -4.97
C PRO A 189 10.60 -3.13 -3.98
N ASP A 190 10.09 -4.30 -3.64
CA ASP A 190 8.98 -4.40 -2.69
C ASP A 190 9.35 -3.88 -1.30
N LEU A 191 10.58 -4.15 -0.86
CA LEU A 191 11.05 -3.74 0.46
C LEU A 191 11.11 -2.23 0.68
N GLN A 192 10.63 -1.79 1.85
CA GLN A 192 10.64 -0.39 2.25
C GLN A 192 11.91 -0.06 3.00
N VAL A 193 12.50 1.10 2.69
CA VAL A 193 13.80 1.49 3.26
C VAL A 193 13.70 2.77 4.07
N ILE A 194 14.08 2.68 5.34
CA ILE A 194 14.19 3.83 6.22
C ILE A 194 15.66 4.19 6.37
N ALA A 195 16.02 5.39 5.96
CA ALA A 195 17.41 5.85 6.00
C ALA A 195 17.64 6.80 7.16
N GLY A 196 18.89 6.93 7.59
CA GLY A 196 19.22 7.80 8.71
C GLY A 196 20.47 7.33 9.46
N ASN A 197 20.78 7.98 10.58
CA ASN A 197 20.00 9.09 11.10
C ASN A 197 20.37 10.43 10.46
N VAL A 198 19.43 11.37 10.51
CA VAL A 198 19.65 12.71 9.97
C VAL A 198 19.08 13.76 10.92
N VAL A 199 19.59 14.99 10.82
CA VAL A 199 19.09 16.08 11.63
C VAL A 199 19.03 17.41 10.87
N THR A 200 19.46 17.41 9.61
CA THR A 200 19.42 18.63 8.79
C THR A 200 18.64 18.43 7.48
N ARG A 201 18.23 19.55 6.90
CA ARG A 201 17.53 19.57 5.64
C ARG A 201 18.37 18.97 4.51
N GLU A 202 19.66 19.30 4.51
CA GLU A 202 20.55 18.87 3.44
C GLU A 202 20.73 17.36 3.47
N GLN A 203 20.82 16.80 4.68
CA GLN A 203 20.91 15.36 4.86
C GLN A 203 19.67 14.67 4.30
N ALA A 204 18.51 15.22 4.62
CA ALA A 204 17.24 14.67 4.19
C ALA A 204 17.14 14.63 2.67
N ALA A 205 17.44 15.75 2.02
CA ALA A 205 17.35 15.84 0.57
C ALA A 205 18.22 14.78 -0.09
N SER A 206 19.40 14.57 0.47
CA SER A 206 20.35 13.62 -0.07
C SER A 206 19.81 12.20 -0.04
N LEU A 207 19.21 11.82 1.08
CA LEU A 207 18.73 10.46 1.26
C LEU A 207 17.35 10.26 0.63
N ILE A 208 16.58 11.33 0.54
CA ILE A 208 15.32 11.29 -0.19
C ILE A 208 15.63 11.10 -1.66
N HIS A 209 16.60 11.85 -2.14
CA HIS A 209 17.05 11.75 -3.53
C HIS A 209 17.59 10.36 -3.84
N ALA A 210 18.15 9.72 -2.82
CA ALA A 210 18.72 8.38 -2.97
C ALA A 210 17.61 7.33 -3.11
N GLY A 211 16.44 7.64 -2.57
CA GLY A 211 15.27 6.80 -2.72
C GLY A 211 14.72 6.27 -1.41
N ALA A 212 14.98 6.96 -0.33
CA ALA A 212 14.49 6.55 0.98
C ALA A 212 12.97 6.59 1.03
N ASP A 213 12.38 5.62 1.72
CA ASP A 213 10.93 5.55 1.89
C ASP A 213 10.51 6.16 3.22
N GLY A 214 11.48 6.44 4.07
CA GLY A 214 11.24 7.06 5.35
C GLY A 214 12.55 7.57 5.91
N LEU A 215 12.50 8.46 6.90
CA LEU A 215 13.70 9.00 7.51
C LEU A 215 13.70 8.81 9.02
N ARG A 216 14.88 8.52 9.56
CA ARG A 216 15.09 8.37 10.98
C ARG A 216 15.79 9.63 11.50
N ILE A 217 15.12 10.37 12.37
CA ILE A 217 15.65 11.66 12.82
C ILE A 217 16.21 11.59 14.24
N GLY A 218 17.43 12.09 14.40
CA GLY A 218 18.04 12.19 15.72
C GLY A 218 19.55 12.00 15.69
N MET A 219 20.26 12.83 16.46
CA MET A 219 21.69 12.66 16.64
C MET A 219 22.13 13.29 17.96
N GLY A 220 22.42 12.41 18.92
CA GLY A 220 22.87 12.80 20.24
C GLY A 220 21.79 13.03 21.27
N SER A 221 20.54 12.87 20.87
CA SER A 221 19.42 13.07 21.78
C SER A 221 19.12 11.83 22.64
N GLY A 222 19.77 10.72 22.32
CA GLY A 222 19.55 9.47 23.04
C GLY A 222 19.96 9.55 24.51
N SER A 223 19.21 8.87 25.36
CA SER A 223 19.49 8.86 26.79
C SER A 223 20.85 8.26 27.08
N ILE A 224 21.20 7.20 26.36
CA ILE A 224 22.49 6.53 26.54
C ILE A 224 23.56 7.10 25.62
N CYS A 225 23.26 8.20 24.73
CA CYS A 225 24.15 8.69 23.69
CA CYS A 225 24.15 8.69 23.69
C CYS A 225 24.95 9.90 24.16
N ILE A 226 26.19 9.91 23.86
CA ILE A 226 27.17 10.97 24.12
C ILE A 226 27.82 11.50 22.83
N THR A 227 27.22 11.20 21.69
CA THR A 227 27.80 11.63 20.41
C THR A 227 28.10 13.13 20.41
N GLN A 228 27.13 13.92 20.89
CA GLN A 228 27.30 15.37 20.91
C GLN A 228 28.50 15.78 21.76
N GLU A 229 28.78 14.98 22.79
CA GLU A 229 29.88 15.28 23.71
C GLU A 229 31.23 14.94 23.09
N VAL A 230 31.30 13.81 22.39
CA VAL A 230 32.57 13.31 21.88
C VAL A 230 32.80 13.65 20.41
N MET A 231 31.73 13.98 19.68
CA MET A 231 31.85 14.34 18.26
C MET A 231 31.54 15.82 18.02
N ALA A 232 30.97 16.49 19.03
CA ALA A 232 30.53 17.87 18.89
C ALA A 232 29.54 18.03 17.75
N CYS A 233 28.89 16.92 17.39
CA CYS A 233 28.01 16.89 16.23
C CYS A 233 26.66 16.29 16.58
N GLY A 234 25.61 16.99 16.18
CA GLY A 234 24.25 16.56 16.45
C GLY A 234 23.31 17.74 16.34
N ARG A 235 22.14 17.61 16.94
CA ARG A 235 21.18 18.71 16.94
C ARG A 235 20.13 18.48 18.01
N PRO A 236 19.62 19.57 18.61
CA PRO A 236 18.49 19.41 19.54
C PRO A 236 17.32 18.73 18.84
N GLN A 237 16.75 17.73 19.50
CA GLN A 237 15.80 16.83 18.85
C GLN A 237 14.60 17.57 18.27
N GLY A 238 14.01 18.46 19.05
CA GLY A 238 12.86 19.21 18.60
C GLY A 238 13.12 19.99 17.32
N THR A 239 14.25 20.71 17.29
CA THR A 239 14.60 21.51 16.13
C THR A 239 14.89 20.62 14.92
N ALA A 240 15.53 19.48 15.17
CA ALA A 240 15.87 18.55 14.12
C ALA A 240 14.59 18.03 13.45
N VAL A 241 13.61 17.66 14.26
CA VAL A 241 12.36 17.12 13.74
C VAL A 241 11.65 18.15 12.86
N TYR A 242 11.61 19.40 13.31
CA TYR A 242 10.89 20.43 12.58
C TYR A 242 11.52 20.68 11.21
N ASN A 243 12.81 20.97 11.19
CA ASN A 243 13.49 21.35 9.95
C ASN A 243 13.57 20.22 8.95
N VAL A 244 13.73 19.00 9.45
CA VAL A 244 13.80 17.83 8.57
C VAL A 244 12.42 17.53 7.98
N THR A 245 11.40 17.47 8.84
CA THR A 245 10.07 17.11 8.40
C THR A 245 9.43 18.21 7.57
N GLN A 246 9.78 19.46 7.86
CA GLN A 246 9.29 20.59 7.07
C GLN A 246 9.68 20.38 5.61
N PHE A 247 10.83 19.73 5.42
CA PHE A 247 11.33 19.41 4.09
C PHE A 247 10.78 18.07 3.61
N ALA A 248 10.97 17.04 4.43
CA ALA A 248 10.65 15.67 4.04
C ALA A 248 9.17 15.46 3.76
N ASN A 249 8.32 16.16 4.50
CA ASN A 249 6.88 16.01 4.34
C ASN A 249 6.41 16.50 2.98
N GLN A 250 7.16 17.43 2.38
CA GLN A 250 6.83 17.95 1.06
C GLN A 250 6.96 16.86 0.00
N PHE A 251 7.70 15.81 0.34
CA PHE A 251 7.94 14.70 -0.59
C PHE A 251 7.15 13.46 -0.16
N GLY A 252 6.32 13.61 0.86
CA GLY A 252 5.52 12.51 1.37
C GLY A 252 6.39 11.42 1.96
N VAL A 253 7.49 11.83 2.59
CA VAL A 253 8.41 10.90 3.24
C VAL A 253 8.22 10.96 4.76
N PRO A 254 7.59 9.94 5.35
CA PRO A 254 7.41 9.93 6.81
C PRO A 254 8.72 9.89 7.57
N CYS A 255 8.77 10.57 8.71
CA CYS A 255 9.98 10.64 9.52
C CYS A 255 9.76 10.10 10.92
N ILE A 256 10.74 9.33 11.40
CA ILE A 256 10.73 8.81 12.76
C ILE A 256 11.52 9.72 13.67
N ALA A 257 10.89 10.21 14.73
CA ALA A 257 11.59 10.99 15.75
C ALA A 257 12.26 10.03 16.72
N ASP A 258 13.58 9.92 16.60
CA ASP A 258 14.34 8.90 17.32
C ASP A 258 15.30 9.51 18.35
N GLY A 259 15.02 9.22 19.62
CA GLY A 259 15.88 9.65 20.71
C GLY A 259 15.29 10.76 21.55
N GLY A 260 15.56 10.70 22.85
CA GLY A 260 15.15 11.74 23.77
C GLY A 260 13.69 11.66 24.18
N VAL A 261 12.99 10.64 23.73
CA VAL A 261 11.59 10.42 24.12
C VAL A 261 11.56 9.68 25.45
N GLN A 262 10.81 10.23 26.41
CA GLN A 262 10.79 9.69 27.76
C GLN A 262 9.39 9.63 28.38
N ASN A 263 8.44 10.31 27.77
CA ASN A 263 7.06 10.27 28.25
C ASN A 263 6.08 10.56 27.13
N ILE A 264 4.80 10.49 27.45
CA ILE A 264 3.75 10.73 26.47
C ILE A 264 3.83 12.13 25.92
N GLY A 265 4.23 13.08 26.77
CA GLY A 265 4.32 14.46 26.36
C GLY A 265 5.31 14.66 25.23
N HIS A 266 6.43 13.96 25.30
CA HIS A 266 7.45 14.04 24.26
C HIS A 266 6.94 13.50 22.93
N ILE A 267 6.09 12.49 23.00
CA ILE A 267 5.53 11.87 21.80
C ILE A 267 4.59 12.86 21.09
N THR A 268 3.72 13.49 21.86
CA THR A 268 2.79 14.47 21.32
C THR A 268 3.53 15.62 20.65
N LYS A 269 4.59 16.09 21.31
CA LYS A 269 5.37 17.21 20.81
C LYS A 269 6.17 16.82 19.58
N ALA A 270 6.71 15.61 19.55
CA ALA A 270 7.46 15.12 18.41
C ALA A 270 6.59 15.15 17.16
N ILE A 271 5.36 14.68 17.31
CA ILE A 271 4.42 14.64 16.20
C ILE A 271 3.98 16.04 15.80
N ALA A 272 3.79 16.91 16.79
CA ALA A 272 3.41 18.29 16.52
C ALA A 272 4.41 18.97 15.61
N LEU A 273 5.68 18.63 15.76
CA LEU A 273 6.75 19.27 15.01
C LEU A 273 6.95 18.66 13.62
N GLY A 274 6.27 17.55 13.34
CA GLY A 274 6.24 16.99 12.01
C GLY A 274 6.55 15.51 11.91
N ALA A 275 6.94 14.90 13.01
CA ALA A 275 7.23 13.47 13.03
C ALA A 275 5.96 12.65 12.76
N SER A 276 6.11 11.55 12.05
CA SER A 276 4.99 10.64 11.78
C SER A 276 4.92 9.55 12.84
N THR A 277 6.07 9.09 13.28
CA THR A 277 6.16 8.11 14.36
C THR A 277 7.30 8.48 15.28
N VAL A 278 7.42 7.79 16.42
CA VAL A 278 8.50 8.02 17.35
C VAL A 278 9.17 6.71 17.72
N MET A 279 10.49 6.75 17.89
CA MET A 279 11.26 5.58 18.25
C MET A 279 11.70 5.69 19.70
N MET A 280 11.61 4.57 20.43
CA MET A 280 11.96 4.54 21.84
C MET A 280 12.94 3.43 22.15
N GLY A 281 13.97 3.78 22.92
CA GLY A 281 14.93 2.81 23.41
C GLY A 281 14.80 2.65 24.92
N GLY A 282 15.18 3.69 25.66
CA GLY A 282 15.20 3.65 27.11
C GLY A 282 13.85 3.38 27.72
N MET A 283 12.80 3.92 27.12
CA MET A 283 11.45 3.74 27.64
C MET A 283 11.03 2.28 27.59
N LEU A 284 11.49 1.56 26.57
CA LEU A 284 11.14 0.16 26.39
C LEU A 284 12.18 -0.77 27.01
N ALA A 285 13.38 -0.24 27.24
CA ALA A 285 14.38 -0.98 27.98
C ALA A 285 13.89 -1.21 29.40
N GLY A 286 14.21 -2.39 29.95
CA GLY A 286 13.79 -2.73 31.30
C GLY A 286 12.43 -3.37 31.35
N THR A 287 11.77 -3.48 30.20
CA THR A 287 10.48 -4.17 30.14
C THR A 287 10.71 -5.67 30.03
N THR A 288 9.67 -6.44 30.33
CA THR A 288 9.75 -7.90 30.30
C THR A 288 10.12 -8.42 28.92
N GLU A 289 9.60 -7.75 27.89
CA GLU A 289 9.78 -8.22 26.52
C GLU A 289 11.14 -7.84 25.95
N SER A 290 11.88 -7.01 26.67
CA SER A 290 13.22 -6.62 26.22
C SER A 290 14.18 -7.79 26.42
N PRO A 291 15.27 -7.82 25.65
CA PRO A 291 16.28 -8.85 25.88
C PRO A 291 17.01 -8.65 27.21
N GLY A 292 17.88 -9.57 27.56
CA GLY A 292 18.66 -9.45 28.78
C GLY A 292 17.83 -9.81 29.99
N GLU A 293 18.50 -10.28 31.04
CA GLU A 293 17.82 -10.72 32.25
C GLU A 293 17.81 -9.61 33.29
N TYR A 294 16.80 -9.66 34.16
CA TYR A 294 16.74 -8.74 35.29
C TYR A 294 17.83 -9.08 36.29
N PHE A 295 18.31 -8.05 36.99
CA PHE A 295 19.26 -8.25 38.08
C PHE A 295 18.92 -7.27 39.19
N PHE A 296 19.50 -7.49 40.37
CA PHE A 296 19.18 -6.70 41.54
C PHE A 296 20.38 -5.87 42.02
N ARG A 297 20.09 -4.63 42.38
CA ARG A 297 21.10 -3.73 42.91
C ARG A 297 20.49 -2.82 43.98
N LYS A 300 16.53 -3.47 44.20
CA LYS A 300 15.82 -2.85 43.09
C LYS A 300 16.06 -3.64 41.81
N ARG A 301 14.98 -4.00 41.12
CA ARG A 301 15.06 -4.81 39.91
C ARG A 301 15.43 -3.98 38.69
N LEU A 302 16.58 -4.29 38.10
CA LEU A 302 17.14 -3.52 36.99
C LEU A 302 17.38 -4.39 35.77
N LYS A 303 17.50 -3.74 34.61
CA LYS A 303 18.03 -4.37 33.41
C LYS A 303 19.13 -3.50 32.85
N THR A 304 20.05 -4.11 32.11
CA THR A 304 21.07 -3.35 31.43
C THR A 304 20.46 -2.64 30.23
N TYR A 305 20.85 -1.38 30.04
CA TYR A 305 20.53 -0.62 28.85
C TYR A 305 21.79 0.09 28.39
N ARG A 306 22.15 -0.11 27.13
CA ARG A 306 23.43 0.42 26.63
C ARG A 306 23.32 0.91 25.20
N GLY A 307 24.05 1.98 24.90
CA GLY A 307 24.14 2.48 23.55
C GLY A 307 24.88 1.47 22.69
N MET A 308 24.48 1.37 21.43
CA MET A 308 25.11 0.44 20.50
C MET A 308 26.51 0.90 20.13
N GLY A 309 26.82 2.15 20.47
CA GLY A 309 28.13 2.72 20.26
C GLY A 309 28.99 2.60 21.52
N SER A 310 28.46 1.92 22.52
CA SER A 310 29.20 1.70 23.75
C SER A 310 30.29 0.65 23.51
N ILE A 311 31.33 0.67 24.35
CA ILE A 311 32.43 -0.28 24.21
C ILE A 311 31.91 -1.70 24.37
N ASP A 312 31.02 -1.91 25.34
CA ASP A 312 30.42 -3.23 25.56
C ASP A 312 29.72 -3.72 24.30
N ALA A 313 28.83 -2.88 23.76
CA ALA A 313 28.06 -3.23 22.58
C ALA A 313 28.96 -3.48 21.38
N MET A 314 30.00 -2.65 21.24
CA MET A 314 30.91 -2.78 20.10
C MET A 314 31.81 -4.01 20.26
N GLN A 315 32.09 -4.39 21.50
CA GLN A 315 32.95 -5.53 21.79
C GLN A 315 32.18 -6.84 21.96
N LYS A 316 30.87 -6.78 21.76
CA LYS A 316 30.01 -7.96 21.96
C LYS A 316 29.28 -8.34 20.68
N LEU A 336 39.50 2.88 19.78
CA LEU A 336 38.08 2.61 19.92
C LEU A 336 37.38 3.79 20.60
N VAL A 337 36.62 4.55 19.81
CA VAL A 337 35.92 5.74 20.31
C VAL A 337 34.45 5.46 20.56
N ALA A 338 34.06 5.39 21.83
CA ALA A 338 32.68 5.15 22.20
C ALA A 338 31.83 6.39 21.96
N GLN A 339 30.58 6.19 21.56
CA GLN A 339 29.63 7.28 21.35
C GLN A 339 28.35 7.02 22.15
N GLY A 340 28.40 6.01 23.02
CA GLY A 340 27.30 5.69 23.90
C GLY A 340 27.83 5.07 25.18
N VAL A 341 26.95 4.84 26.15
CA VAL A 341 27.34 4.30 27.44
C VAL A 341 26.55 3.04 27.80
N THR A 342 27.11 2.25 28.70
CA THR A 342 26.39 1.11 29.28
C THR A 342 25.83 1.52 30.62
N GLY A 343 24.53 1.29 30.81
CA GLY A 343 23.87 1.65 32.04
C GLY A 343 22.79 0.67 32.43
N SER A 344 21.97 1.08 33.39
CA SER A 344 20.87 0.24 33.85
C SER A 344 19.58 1.04 33.96
N VAL A 345 18.47 0.34 33.81
CA VAL A 345 17.15 0.92 33.96
C VAL A 345 16.31 0.00 34.84
N ILE A 346 15.40 0.59 35.62
CA ILE A 346 14.57 -0.19 36.51
C ILE A 346 13.53 -0.98 35.72
N ASP A 347 13.07 -2.07 36.32
CA ASP A 347 12.00 -2.87 35.74
C ASP A 347 10.77 -2.01 35.48
N LYS A 348 10.29 -2.04 34.24
CA LYS A 348 9.13 -1.24 33.83
C LYS A 348 7.89 -2.11 33.66
N GLY A 349 8.06 -3.43 33.74
CA GLY A 349 6.97 -4.35 33.56
C GLY A 349 6.77 -4.72 32.10
N SER A 350 5.61 -5.30 31.79
CA SER A 350 5.31 -5.74 30.44
C SER A 350 4.79 -4.60 29.58
N ILE A 351 5.17 -4.61 28.30
CA ILE A 351 4.69 -3.58 27.38
C ILE A 351 3.21 -3.80 27.03
N LYS A 352 2.66 -4.92 27.49
CA LYS A 352 1.24 -5.20 27.31
C LYS A 352 0.39 -4.25 28.15
N LYS A 353 1.03 -3.57 29.10
CA LYS A 353 0.35 -2.58 29.94
C LYS A 353 0.90 -1.18 29.68
N TYR A 354 2.14 -1.10 29.25
CA TYR A 354 2.82 0.18 29.06
C TYR A 354 2.40 0.86 27.75
N ILE A 355 2.33 0.10 26.67
CA ILE A 355 1.98 0.67 25.36
C ILE A 355 0.53 1.16 25.35
N PRO A 356 -0.40 0.38 25.92
CA PRO A 356 -1.77 0.90 26.03
C PRO A 356 -1.83 2.20 26.82
N TYR A 357 -0.99 2.31 27.85
CA TYR A 357 -0.91 3.54 28.63
C TYR A 357 -0.47 4.69 27.75
N LEU A 358 0.53 4.45 26.91
CA LEU A 358 0.97 5.45 25.94
C LEU A 358 -0.15 5.76 24.96
N TYR A 359 -0.84 4.71 24.52
CA TYR A 359 -1.91 4.85 23.55
C TYR A 359 -3.04 5.71 24.10
N ASN A 360 -3.60 5.29 25.24
CA ASN A 360 -4.70 6.02 25.87
C ASN A 360 -4.29 7.42 26.32
N GLY A 361 -3.03 7.54 26.74
CA GLY A 361 -2.51 8.83 27.18
C GLY A 361 -2.43 9.79 26.01
N LEU A 362 -2.02 9.28 24.86
CA LEU A 362 -1.88 10.11 23.67
C LEU A 362 -3.25 10.54 23.16
N GLN A 363 -4.24 9.68 23.34
CA GLN A 363 -5.61 10.00 22.98
C GLN A 363 -6.11 11.18 23.81
N HIS A 364 -5.88 11.12 25.11
CA HIS A 364 -6.28 12.21 26.01
C HIS A 364 -5.54 13.50 25.68
N SER A 365 -4.28 13.36 25.27
CA SER A 365 -3.47 14.52 24.91
C SER A 365 -4.06 15.22 23.69
N CYS A 366 -4.41 14.45 22.67
CA CYS A 366 -5.03 14.99 21.47
C CYS A 366 -6.36 15.65 21.79
N GLN A 367 -7.10 15.06 22.73
CA GLN A 367 -8.39 15.59 23.13
C GLN A 367 -8.23 16.97 23.74
N ASP A 368 -7.28 17.10 24.67
CA ASP A 368 -7.00 18.38 25.32
C ASP A 368 -6.67 19.46 24.28
N ILE A 369 -5.97 19.04 23.22
CA ILE A 369 -5.58 19.97 22.17
C ILE A 369 -6.74 20.25 21.23
N GLY A 370 -7.68 19.31 21.14
CA GLY A 370 -8.88 19.49 20.36
C GLY A 370 -8.78 18.92 18.95
N VAL A 371 -7.99 17.87 18.80
CA VAL A 371 -7.83 17.20 17.51
C VAL A 371 -8.26 15.74 17.61
N ARG A 372 -8.91 15.25 16.56
CA ARG A 372 -9.53 13.94 16.56
C ARG A 372 -8.64 12.86 15.92
N SER A 373 -7.50 13.27 15.39
CA SER A 373 -6.55 12.32 14.81
C SER A 373 -5.18 12.96 14.64
N LEU A 374 -4.17 12.13 14.41
CA LEU A 374 -2.83 12.63 14.22
C LEU A 374 -2.72 13.32 12.86
N VAL A 375 -3.58 12.91 11.93
CA VAL A 375 -3.66 13.59 10.64
C VAL A 375 -4.19 15.00 10.83
N GLU A 376 -5.28 15.13 11.57
CA GLU A 376 -5.84 16.43 11.86
C GLU A 376 -4.85 17.25 12.68
N PHE A 377 -4.14 16.57 13.57
CA PHE A 377 -3.11 17.21 14.39
C PHE A 377 -2.10 17.92 13.47
N ARG A 378 -1.62 17.19 12.47
CA ARG A 378 -0.68 17.73 11.49
C ARG A 378 -1.29 18.93 10.76
N GLU A 379 -2.52 18.77 10.30
CA GLU A 379 -3.18 19.80 9.51
C GLU A 379 -3.42 21.08 10.32
N LYS A 380 -3.89 20.93 11.55
CA LYS A 380 -4.21 22.08 12.38
C LYS A 380 -2.95 22.82 12.85
N VAL A 381 -1.84 22.09 12.96
CA VAL A 381 -0.57 22.72 13.33
C VAL A 381 -0.05 23.57 12.18
N ASP A 382 -0.02 22.99 11.00
CA ASP A 382 0.53 23.67 9.82
C ASP A 382 -0.34 24.86 9.41
N SER A 383 -1.61 24.84 9.82
CA SER A 383 -2.53 25.92 9.51
C SER A 383 -2.46 27.03 10.55
N GLY A 384 -1.86 26.72 11.70
CA GLY A 384 -1.69 27.70 12.75
C GLY A 384 -2.85 27.73 13.74
N SER A 385 -3.72 26.73 13.66
CA SER A 385 -4.85 26.63 14.57
C SER A 385 -4.37 26.20 15.96
N VAL A 386 -3.54 25.17 15.98
CA VAL A 386 -2.90 24.74 17.22
C VAL A 386 -1.83 25.74 17.60
N ARG A 387 -1.81 26.11 18.87
CA ARG A 387 -0.90 27.15 19.36
C ARG A 387 0.08 26.58 20.37
N PHE A 388 1.22 27.23 20.49
CA PHE A 388 2.28 26.77 21.38
C PHE A 388 2.71 27.89 22.31
N GLU A 389 3.51 27.53 23.32
CA GLU A 389 4.02 28.51 24.27
C GLU A 389 5.38 28.06 24.77
N PHE A 390 6.32 28.99 24.86
CA PHE A 390 7.64 28.70 25.40
C PHE A 390 7.55 28.36 26.89
N ARG A 391 8.63 27.79 27.42
CA ARG A 391 8.75 27.50 28.85
C ARG A 391 10.08 27.96 29.40
N THR A 392 10.05 28.93 30.31
CA THR A 392 11.26 29.33 31.02
C THR A 392 11.67 28.20 31.96
N PRO A 393 12.93 28.20 32.41
CA PRO A 393 13.38 27.20 33.39
C PRO A 393 12.48 27.15 34.61
N SER A 394 11.98 28.30 35.05
CA SER A 394 11.06 28.37 36.17
C SER A 394 9.73 27.70 35.82
N ALA A 395 9.26 27.95 34.60
CA ALA A 395 8.00 27.38 34.12
C ALA A 395 8.09 25.86 34.01
N GLN A 396 9.29 25.35 33.74
CA GLN A 396 9.51 23.91 33.64
C GLN A 396 9.50 23.26 35.02
N LEU A 397 10.09 23.96 35.99
CA LEU A 397 10.07 23.49 37.37
C LEU A 397 8.66 23.53 37.92
N GLU A 398 7.94 24.61 37.61
CA GLU A 398 6.54 24.76 37.99
C GLU A 398 5.70 23.67 37.32
N GLY A 399 6.06 23.33 36.09
CA GLY A 399 5.32 22.35 35.32
C GLY A 399 5.44 20.95 35.90
N GLY A 400 6.59 20.65 36.48
CA GLY A 400 6.82 19.36 37.11
C GLY A 400 6.31 19.36 38.54
N VAL A 401 6.55 18.25 39.24
CA VAL A 401 6.23 18.19 40.66
C VAL A 401 7.20 19.08 41.42
N HIS A 402 6.70 19.89 42.34
CA HIS A 402 7.55 20.80 43.10
C HIS A 402 7.04 21.05 44.52
N ASN A 403 7.99 21.33 45.41
CA ASN A 403 7.70 21.73 46.79
C ASN A 403 6.89 20.70 47.57
N LEU A 404 7.34 19.45 47.51
CA LEU A 404 6.77 18.38 48.33
C LEU A 404 7.86 17.73 49.17
N HIS A 405 7.51 17.27 50.37
CA HIS A 405 8.46 16.55 51.19
C HIS A 405 8.89 15.26 50.51
N SER A 406 7.92 14.59 49.89
CA SER A 406 8.18 13.35 49.17
C SER A 406 6.98 12.98 48.31
N TYR A 407 7.19 12.10 47.34
CA TYR A 407 6.10 11.67 46.48
C TYR A 407 6.46 10.41 45.71
N GLU A 408 5.42 9.65 45.33
CA GLU A 408 5.57 8.47 44.50
C GLU A 408 4.92 8.73 43.14
N LYS A 409 5.70 8.52 42.07
CA LYS A 409 5.24 8.81 40.71
C LYS A 409 4.64 7.59 40.04
N ARG A 410 3.38 7.30 40.35
CA ARG A 410 2.65 6.20 39.71
C ARG A 410 1.93 6.71 38.47
N LEU A 411 2.45 6.35 37.30
CA LEU A 411 1.93 6.84 36.03
C LEU A 411 0.58 6.21 35.69
N PHE A 412 0.44 4.93 36.03
CA PHE A 412 -0.77 4.19 35.71
C PHE A 412 -0.94 2.97 36.59
N MET B 4 -43.00 -1.22 25.94
CA MET B 4 -42.00 -1.96 25.13
C MET B 4 -40.57 -1.62 25.58
N THR B 5 -39.85 -2.64 26.04
CA THR B 5 -38.47 -2.47 26.49
C THR B 5 -37.49 -2.83 25.40
N TYR B 6 -36.70 -1.84 24.97
CA TYR B 6 -35.73 -2.03 23.91
C TYR B 6 -34.33 -2.27 24.47
N ARG B 7 -33.41 -2.67 23.59
CA ARG B 7 -32.02 -2.88 23.97
C ARG B 7 -31.27 -1.56 24.06
N ASP B 8 -30.27 -1.50 24.93
CA ASP B 8 -29.45 -0.31 25.06
C ASP B 8 -28.52 -0.17 23.85
N ALA B 9 -28.51 1.02 23.25
CA ALA B 9 -27.74 1.27 22.03
C ALA B 9 -26.24 1.05 22.25
N ALA B 10 -25.79 1.20 23.49
CA ALA B 10 -24.38 1.05 23.81
C ALA B 10 -23.91 -0.39 23.57
N THR B 11 -24.86 -1.32 23.55
CA THR B 11 -24.55 -2.73 23.38
C THR B 11 -24.74 -3.19 21.93
N ALA B 12 -24.97 -2.23 21.04
CA ALA B 12 -25.31 -2.53 19.65
C ALA B 12 -24.24 -3.35 18.95
N LEU B 13 -22.98 -2.93 19.08
CA LEU B 13 -21.88 -3.62 18.44
C LEU B 13 -21.68 -4.99 19.08
N GLU B 14 -21.90 -5.06 20.39
CA GLU B 14 -21.77 -6.30 21.12
C GLU B 14 -22.84 -7.30 20.67
N HIS B 15 -24.04 -6.79 20.41
CA HIS B 15 -25.17 -7.64 20.07
C HIS B 15 -24.96 -8.37 18.74
N LEU B 16 -24.08 -7.83 17.91
CA LEU B 16 -23.76 -8.46 16.62
C LEU B 16 -23.25 -9.89 16.81
N ALA B 17 -22.65 -10.15 17.97
CA ALA B 17 -22.08 -11.46 18.27
C ALA B 17 -23.17 -12.51 18.47
N THR B 18 -24.39 -12.08 18.72
CA THR B 18 -25.50 -12.99 18.90
C THR B 18 -25.89 -13.66 17.60
N TYR B 19 -25.34 -13.17 16.50
CA TYR B 19 -25.65 -13.70 15.17
C TYR B 19 -24.62 -14.72 14.73
N ALA B 20 -25.10 -15.79 14.10
CA ALA B 20 -24.25 -16.92 13.70
C ALA B 20 -23.17 -16.47 12.71
N GLU B 21 -23.54 -15.59 11.80
CA GLU B 21 -22.60 -15.11 10.80
C GLU B 21 -22.93 -13.67 10.41
N LYS B 22 -22.01 -13.04 9.68
CA LYS B 22 -22.21 -11.68 9.22
C LYS B 22 -23.41 -11.57 8.31
N ASP B 23 -23.96 -10.38 8.21
CA ASP B 23 -25.05 -10.10 7.29
C ASP B 23 -24.55 -10.30 5.87
N GLY B 24 -25.36 -10.92 5.02
CA GLY B 24 -24.98 -11.21 3.66
C GLY B 24 -24.24 -12.52 3.49
N LEU B 25 -23.71 -12.75 2.30
CA LEU B 25 -23.06 -14.00 1.94
C LEU B 25 -21.56 -13.86 1.74
N SER B 26 -20.80 -14.89 2.09
CA SER B 26 -19.40 -14.97 1.73
C SER B 26 -19.31 -15.35 0.25
N VAL B 27 -18.12 -15.23 -0.33
CA VAL B 27 -17.93 -15.54 -1.74
C VAL B 27 -18.19 -17.02 -2.02
N GLU B 28 -17.85 -17.86 -1.04
CA GLU B 28 -18.07 -19.29 -1.15
C GLU B 28 -19.56 -19.61 -1.22
N GLN B 29 -20.32 -19.01 -0.30
CA GLN B 29 -21.77 -19.21 -0.27
C GLN B 29 -22.42 -18.66 -1.54
N LEU B 30 -21.92 -17.52 -2.01
CA LEU B 30 -22.40 -16.94 -3.26
C LEU B 30 -22.14 -17.88 -4.42
N MET B 31 -20.95 -18.46 -4.45
CA MET B 31 -20.54 -19.36 -5.53
C MET B 31 -20.62 -20.82 -5.07
N GLY B 37 -26.58 -21.58 -9.65
CA GLY B 37 -25.26 -21.43 -10.24
C GLY B 37 -25.34 -20.87 -11.65
N GLY B 38 -24.18 -20.65 -12.25
CA GLY B 38 -24.12 -20.14 -13.61
C GLY B 38 -24.40 -18.66 -13.70
N LEU B 39 -23.99 -17.92 -12.66
CA LEU B 39 -24.24 -16.49 -12.62
C LEU B 39 -23.06 -15.70 -13.18
N THR B 40 -23.31 -14.42 -13.44
CA THR B 40 -22.26 -13.51 -13.86
C THR B 40 -22.38 -12.21 -13.09
N TYR B 41 -21.71 -11.16 -13.57
CA TYR B 41 -21.54 -9.93 -12.81
C TYR B 41 -22.86 -9.29 -12.36
N ASN B 42 -23.81 -9.17 -13.27
CA ASN B 42 -25.07 -8.46 -12.97
C ASN B 42 -25.96 -9.20 -11.97
N ASP B 43 -25.60 -10.43 -11.64
CA ASP B 43 -26.43 -11.27 -10.79
C ASP B 43 -26.20 -11.06 -9.28
N PHE B 44 -25.30 -10.16 -8.92
CA PHE B 44 -25.01 -9.95 -7.51
C PHE B 44 -24.41 -8.58 -7.21
N LEU B 45 -24.36 -8.25 -5.92
CA LEU B 45 -23.75 -7.02 -5.43
C LEU B 45 -22.76 -7.34 -4.31
N VAL B 46 -21.86 -6.39 -4.05
CA VAL B 46 -21.01 -6.44 -2.88
C VAL B 46 -21.64 -5.53 -1.83
N LEU B 47 -21.69 -6.00 -0.58
CA LEU B 47 -22.28 -5.20 0.48
C LEU B 47 -21.28 -4.17 0.98
N PRO B 48 -21.77 -2.96 1.32
CA PRO B 48 -20.88 -1.90 1.81
C PRO B 48 -20.29 -2.24 3.17
N GLY B 49 -19.10 -1.69 3.47
CA GLY B 49 -18.43 -1.94 4.72
C GLY B 49 -18.29 -0.68 5.55
N LYS B 50 -17.09 -0.51 6.12
CA LYS B 50 -16.80 0.62 6.99
C LYS B 50 -15.79 1.56 6.33
N ILE B 51 -16.15 2.84 6.22
CA ILE B 51 -15.27 3.84 5.63
C ILE B 51 -14.46 4.55 6.73
N ASP B 52 -13.15 4.35 6.73
CA ASP B 52 -12.26 5.07 7.62
C ASP B 52 -11.02 5.53 6.86
N PHE B 53 -11.24 5.95 5.61
CA PHE B 53 -10.17 6.49 4.80
C PHE B 53 -10.76 7.18 3.56
N PRO B 54 -9.99 8.10 2.96
CA PRO B 54 -10.45 8.70 1.69
C PRO B 54 -10.18 7.79 0.51
N SER B 55 -10.98 7.92 -0.54
CA SER B 55 -10.85 7.07 -1.72
C SER B 55 -9.52 7.31 -2.44
N SER B 56 -8.98 8.51 -2.29
CA SER B 56 -7.72 8.86 -2.96
C SER B 56 -6.56 8.04 -2.43
N GLU B 57 -6.73 7.46 -1.24
CA GLU B 57 -5.68 6.65 -0.64
C GLU B 57 -5.71 5.20 -1.14
N VAL B 58 -6.75 4.84 -1.88
CA VAL B 58 -6.90 3.47 -2.36
C VAL B 58 -5.84 3.12 -3.40
N VAL B 59 -5.15 2.00 -3.17
CA VAL B 59 -4.11 1.52 -4.07
C VAL B 59 -4.66 0.46 -5.01
N LEU B 60 -4.43 0.63 -6.30
CA LEU B 60 -4.96 -0.28 -7.31
C LEU B 60 -3.84 -1.00 -8.05
N SER B 61 -2.71 -1.19 -7.39
CA SER B 61 -1.62 -1.97 -7.95
C SER B 61 -2.11 -3.39 -8.18
N SER B 62 -1.76 -3.95 -9.33
CA SER B 62 -2.30 -5.24 -9.74
C SER B 62 -1.30 -6.08 -10.51
N ARG B 63 -1.26 -7.37 -10.19
CA ARG B 63 -0.38 -8.29 -10.88
C ARG B 63 -0.96 -8.66 -12.24
N LEU B 64 -0.23 -8.33 -13.30
CA LEU B 64 -0.61 -8.76 -14.65
C LEU B 64 -0.12 -10.17 -14.88
N THR B 65 1.15 -10.39 -14.53
CA THR B 65 1.76 -11.71 -14.59
C THR B 65 2.58 -11.92 -13.32
N LYS B 66 3.31 -13.03 -13.26
CA LYS B 66 4.11 -13.37 -12.09
C LYS B 66 5.11 -12.26 -11.74
N LYS B 67 5.70 -11.66 -12.76
CA LYS B 67 6.78 -10.69 -12.57
C LYS B 67 6.42 -9.28 -13.02
N ILE B 68 5.21 -9.10 -13.53
CA ILE B 68 4.75 -7.78 -13.97
C ILE B 68 3.56 -7.33 -13.13
N THR B 69 3.72 -6.15 -12.52
CA THR B 69 2.68 -5.54 -11.71
C THR B 69 2.34 -4.19 -12.31
N LEU B 70 1.04 -3.93 -12.49
CA LEU B 70 0.58 -2.65 -12.99
C LEU B 70 0.08 -1.80 -11.84
N ASN B 71 -0.01 -0.49 -12.07
CA ASN B 71 -0.55 0.41 -11.08
C ASN B 71 -2.08 0.49 -11.20
N ALA B 72 -2.58 -0.04 -12.31
CA ALA B 72 -4.02 -0.09 -12.56
C ALA B 72 -4.36 -1.40 -13.24
N PRO B 73 -5.47 -2.04 -12.84
CA PRO B 73 -5.84 -3.35 -13.39
C PRO B 73 -6.52 -3.27 -14.76
N PHE B 74 -6.08 -2.35 -15.61
CA PHE B 74 -6.73 -2.13 -16.90
C PHE B 74 -5.88 -2.65 -18.05
N VAL B 75 -6.49 -3.50 -18.87
CA VAL B 75 -5.83 -4.06 -20.05
C VAL B 75 -6.73 -3.88 -21.27
N SER B 76 -6.17 -3.32 -22.35
CA SER B 76 -6.93 -3.20 -23.58
C SER B 76 -6.78 -4.50 -24.37
N SER B 77 -7.90 -4.98 -24.90
CA SER B 77 -7.95 -6.27 -25.58
C SER B 77 -7.21 -6.25 -26.91
N PRO B 78 -6.59 -7.38 -27.29
CA PRO B 78 -5.91 -7.46 -28.59
C PRO B 78 -6.88 -7.64 -29.76
N MET B 79 -7.47 -6.53 -30.20
CA MET B 79 -8.43 -6.53 -31.30
C MET B 79 -8.11 -5.38 -32.26
N ASP B 80 -8.32 -5.60 -33.55
CA ASP B 80 -7.93 -4.62 -34.56
C ASP B 80 -8.83 -3.38 -34.57
N THR B 81 -9.86 -3.38 -33.72
CA THR B 81 -10.71 -2.21 -33.56
C THR B 81 -10.55 -1.61 -32.17
N VAL B 82 -9.51 -2.05 -31.46
CA VAL B 82 -9.28 -1.61 -30.08
C VAL B 82 -7.85 -1.14 -29.85
N THR B 83 -6.87 -2.02 -30.08
CA THR B 83 -5.50 -1.76 -29.64
C THR B 83 -4.44 -1.83 -30.73
N GLU B 84 -3.91 -0.66 -31.08
CA GLU B 84 -2.67 -0.57 -31.82
C GLU B 84 -1.71 0.28 -31.00
N ALA B 85 -0.68 0.85 -31.63
CA ALA B 85 0.35 1.57 -30.90
C ALA B 85 -0.22 2.73 -30.07
N ASP B 86 -1.14 3.47 -30.65
CA ASP B 86 -1.73 4.63 -29.98
C ASP B 86 -2.42 4.23 -28.68
N MET B 87 -3.17 3.14 -28.73
CA MET B 87 -3.85 2.63 -27.54
C MET B 87 -2.84 2.15 -26.51
N ALA B 88 -1.88 1.35 -26.96
CA ALA B 88 -0.90 0.75 -26.06
C ALA B 88 -0.07 1.80 -25.34
N ILE B 89 0.31 2.85 -26.05
CA ILE B 89 1.11 3.92 -25.46
C ILE B 89 0.36 4.58 -24.32
N HIS B 90 -0.86 5.01 -24.61
CA HIS B 90 -1.62 5.78 -23.64
C HIS B 90 -2.17 4.91 -22.52
N MET B 91 -2.37 3.62 -22.80
CA MET B 91 -2.77 2.69 -21.74
C MET B 91 -1.65 2.54 -20.73
N ALA B 92 -0.41 2.45 -21.22
CA ALA B 92 0.75 2.32 -20.37
C ALA B 92 1.00 3.59 -19.57
N LEU B 93 0.82 4.73 -20.23
CA LEU B 93 1.02 6.02 -19.59
C LEU B 93 0.10 6.21 -18.40
N LEU B 94 -1.08 5.60 -18.47
CA LEU B 94 -2.11 5.79 -17.46
C LEU B 94 -2.10 4.68 -16.41
N GLY B 95 -1.01 3.90 -16.39
CA GLY B 95 -0.82 2.90 -15.37
C GLY B 95 -1.34 1.52 -15.72
N GLY B 96 -1.87 1.38 -16.93
CA GLY B 96 -2.35 0.11 -17.43
C GLY B 96 -1.40 -0.49 -18.45
N ILE B 97 -1.95 -1.21 -19.41
CA ILE B 97 -1.15 -1.79 -20.49
C ILE B 97 -2.04 -2.13 -21.67
N GLY B 98 -1.44 -2.16 -22.85
CA GLY B 98 -2.16 -2.55 -24.06
C GLY B 98 -1.58 -3.80 -24.68
N ILE B 99 -2.46 -4.65 -25.20
CA ILE B 99 -2.06 -5.84 -25.92
C ILE B 99 -2.33 -5.64 -27.41
N ILE B 100 -1.27 -5.52 -28.20
CA ILE B 100 -1.41 -5.26 -29.63
C ILE B 100 -1.90 -6.51 -30.36
N HIS B 101 -2.86 -6.30 -31.26
CA HIS B 101 -3.47 -7.39 -32.01
C HIS B 101 -2.51 -7.94 -33.05
N HIS B 102 -2.81 -9.13 -33.58
CA HIS B 102 -1.97 -9.76 -34.57
C HIS B 102 -2.74 -10.03 -35.85
N ASN B 103 -3.80 -9.27 -36.08
CA ASN B 103 -4.51 -9.29 -37.35
C ASN B 103 -3.75 -8.44 -38.35
N CYS B 104 -2.49 -8.80 -38.57
CA CYS B 104 -1.58 -8.03 -39.40
C CYS B 104 -0.28 -8.80 -39.58
N THR B 105 0.59 -8.34 -40.48
CA THR B 105 1.84 -9.03 -40.72
C THR B 105 2.75 -8.93 -39.51
N ALA B 106 3.70 -9.86 -39.41
CA ALA B 106 4.65 -9.86 -38.31
C ALA B 106 5.51 -8.60 -38.34
N GLU B 107 5.75 -8.10 -39.55
CA GLU B 107 6.53 -6.88 -39.73
C GLU B 107 5.73 -5.68 -39.25
N GLU B 108 4.43 -5.68 -39.55
CA GLU B 108 3.55 -4.59 -39.16
C GLU B 108 3.35 -4.55 -37.65
N GLN B 109 3.19 -5.72 -37.03
CA GLN B 109 2.99 -5.80 -35.59
C GLN B 109 4.25 -5.34 -34.87
N ALA B 110 5.40 -5.81 -35.35
CA ALA B 110 6.69 -5.47 -34.75
C ALA B 110 6.91 -3.97 -34.81
N GLU B 111 6.44 -3.34 -35.87
CA GLU B 111 6.56 -1.90 -36.02
C GLU B 111 5.77 -1.19 -34.92
N MET B 112 4.56 -1.69 -34.66
CA MET B 112 3.72 -1.11 -33.63
C MET B 112 4.35 -1.27 -32.26
N VAL B 113 4.97 -2.41 -32.01
CA VAL B 113 5.66 -2.65 -30.75
C VAL B 113 6.82 -1.68 -30.59
N ARG B 114 7.59 -1.51 -31.66
CA ARG B 114 8.73 -0.60 -31.63
C ARG B 114 8.28 0.82 -31.33
N ARG B 115 7.12 1.20 -31.88
CA ARG B 115 6.55 2.52 -31.65
C ARG B 115 6.27 2.78 -30.18
N VAL B 116 5.78 1.76 -29.47
CA VAL B 116 5.47 1.89 -28.06
C VAL B 116 6.73 1.99 -27.21
N LYS B 117 7.70 1.12 -27.49
CA LYS B 117 8.91 1.04 -26.68
C LYS B 117 9.84 2.22 -26.91
N LYS B 118 9.76 2.83 -28.09
CA LYS B 118 10.62 3.96 -28.44
C LYS B 118 9.98 5.30 -28.13
N TYR B 119 8.76 5.27 -27.59
CA TYR B 119 8.02 6.49 -27.30
C TYR B 119 8.74 7.35 -26.27
N ALA B 129 2.81 5.52 -14.27
CA ALA B 129 3.08 5.08 -15.63
C ALA B 129 3.68 3.68 -15.64
N SER B 130 3.20 2.85 -16.56
CA SER B 130 3.68 1.48 -16.70
C SER B 130 4.95 1.40 -17.55
N LYS B 131 6.07 1.12 -16.91
CA LYS B 131 7.36 1.06 -17.59
C LYS B 131 8.14 -0.19 -17.19
N SER B 132 9.03 -0.62 -18.08
CA SER B 132 9.86 -1.79 -17.82
C SER B 132 10.92 -1.53 -16.76
N ASP B 134 15.35 -3.42 -16.60
CA ASP B 134 14.43 -2.29 -16.72
C ASP B 134 15.06 -1.16 -17.52
N THR B 135 14.38 -0.76 -18.59
CA THR B 135 14.86 0.28 -19.50
C THR B 135 14.13 1.60 -19.28
N LYS B 136 13.12 1.58 -18.42
CA LYS B 136 12.31 2.76 -18.16
C LYS B 136 11.44 3.10 -19.36
N GLN B 137 11.37 2.16 -20.31
CA GLN B 137 10.51 2.30 -21.47
C GLN B 137 9.12 1.80 -21.13
N LEU B 138 8.12 2.30 -21.82
CA LEU B 138 6.74 1.89 -21.57
C LEU B 138 6.56 0.39 -21.78
N LEU B 139 5.77 -0.24 -20.93
CA LEU B 139 5.45 -1.66 -21.08
C LEU B 139 4.56 -1.86 -22.29
N CYS B 140 4.81 -2.93 -23.02
CA CYS B 140 4.02 -3.26 -24.20
C CYS B 140 3.73 -4.76 -24.26
N GLY B 141 2.48 -5.09 -24.57
CA GLY B 141 2.07 -6.46 -24.76
C GLY B 141 1.66 -6.68 -26.21
N ALA B 142 1.61 -7.93 -26.62
CA ALA B 142 1.20 -8.28 -27.97
C ALA B 142 0.61 -9.68 -28.01
N ALA B 143 -0.28 -9.91 -28.97
CA ALA B 143 -0.93 -11.21 -29.12
C ALA B 143 -0.30 -11.99 -30.28
N ILE B 144 -0.34 -13.32 -30.19
CA ILE B 144 0.06 -14.18 -31.29
C ILE B 144 -0.79 -15.45 -31.32
N GLY B 145 -0.80 -16.12 -32.47
CA GLY B 145 -1.42 -17.43 -32.59
C GLY B 145 -0.49 -18.48 -32.00
N THR B 146 -0.88 -19.74 -32.10
CA THR B 146 -0.09 -20.82 -31.51
C THR B 146 0.42 -21.82 -32.56
N ILE B 147 0.55 -21.37 -33.80
CA ILE B 147 1.13 -22.19 -34.86
C ILE B 147 2.62 -21.89 -35.00
N ASP B 148 3.33 -22.71 -35.79
CA ASP B 148 4.77 -22.58 -35.94
C ASP B 148 5.19 -21.25 -36.56
N ALA B 149 4.34 -20.69 -37.41
CA ALA B 149 4.64 -19.43 -38.07
C ALA B 149 4.74 -18.27 -37.08
N ASP B 150 4.09 -18.41 -35.93
CA ASP B 150 4.09 -17.37 -34.91
C ASP B 150 5.42 -17.35 -34.15
N ARG B 151 6.24 -18.36 -34.36
CA ARG B 151 7.57 -18.39 -33.76
C ARG B 151 8.43 -17.26 -34.29
N GLN B 152 8.43 -17.11 -35.62
CA GLN B 152 9.19 -16.04 -36.25
C GLN B 152 8.56 -14.70 -35.94
N ARG B 153 7.24 -14.66 -35.94
CA ARG B 153 6.52 -13.45 -35.56
C ARG B 153 6.96 -12.98 -34.18
N LEU B 154 6.93 -13.90 -33.23
CA LEU B 154 7.28 -13.59 -31.86
C LEU B 154 8.72 -13.11 -31.75
N ALA B 155 9.61 -13.79 -32.46
CA ALA B 155 11.02 -13.43 -32.45
C ALA B 155 11.21 -11.98 -32.85
N MET B 156 10.41 -11.52 -33.81
CA MET B 156 10.47 -10.14 -34.27
C MET B 156 9.93 -9.19 -33.20
N LEU B 157 8.87 -9.61 -32.53
CA LEU B 157 8.28 -8.80 -31.47
C LEU B 157 9.24 -8.66 -30.30
N VAL B 158 9.94 -9.75 -29.97
CA VAL B 158 10.91 -9.74 -28.89
C VAL B 158 12.07 -8.80 -29.22
N GLU B 159 12.49 -8.82 -30.48
CA GLU B 159 13.56 -7.94 -30.93
C GLU B 159 13.13 -6.48 -30.77
N ALA B 160 11.83 -6.25 -30.88
CA ALA B 160 11.28 -4.90 -30.74
C ALA B 160 11.16 -4.48 -29.28
N GLY B 161 11.33 -5.43 -28.37
CA GLY B 161 11.33 -5.14 -26.94
C GLY B 161 10.05 -5.50 -26.22
N LEU B 162 9.35 -6.51 -26.72
CA LEU B 162 8.10 -6.96 -26.10
C LEU B 162 8.33 -7.42 -24.67
N ASP B 163 7.40 -7.06 -23.77
CA ASP B 163 7.53 -7.38 -22.35
C ASP B 163 6.68 -8.60 -21.97
N VAL B 164 5.54 -8.76 -22.64
CA VAL B 164 4.63 -9.86 -22.34
C VAL B 164 3.85 -10.26 -23.59
N VAL B 165 3.68 -11.56 -23.76
CA VAL B 165 2.95 -12.11 -24.92
C VAL B 165 1.66 -12.77 -24.47
N VAL B 166 0.61 -12.56 -25.25
CA VAL B 166 -0.68 -13.19 -25.02
C VAL B 166 -0.95 -14.24 -26.10
N LEU B 167 -1.11 -15.49 -25.68
CA LEU B 167 -1.49 -16.54 -26.62
C LEU B 167 -2.99 -16.45 -26.87
N ASP B 168 -3.33 -15.96 -28.06
CA ASP B 168 -4.70 -15.56 -28.38
C ASP B 168 -5.52 -16.73 -28.92
N SER B 169 -6.48 -17.19 -28.11
CA SER B 169 -7.34 -18.30 -28.50
C SER B 169 -8.63 -18.30 -27.70
N SER B 170 -9.71 -18.73 -28.33
CA SER B 170 -11.00 -18.84 -27.65
C SER B 170 -11.00 -20.05 -26.73
N GLN B 171 -10.17 -21.04 -27.08
CA GLN B 171 -10.05 -22.27 -26.30
C GLN B 171 -8.57 -22.60 -26.18
N GLY B 172 -7.97 -22.14 -25.08
CA GLY B 172 -6.53 -22.19 -24.93
C GLY B 172 -5.97 -23.54 -24.49
N ASN B 173 -6.84 -24.42 -24.00
CA ASN B 173 -6.40 -25.73 -23.54
C ASN B 173 -6.23 -26.69 -24.72
N SER B 174 -5.14 -26.50 -25.47
CA SER B 174 -4.86 -27.32 -26.64
C SER B 174 -3.38 -27.71 -26.65
N VAL B 175 -3.07 -28.82 -27.31
CA VAL B 175 -1.69 -29.24 -27.45
C VAL B 175 -0.83 -28.18 -28.15
N PHE B 176 -1.39 -27.49 -29.13
CA PHE B 176 -0.64 -26.42 -29.79
C PHE B 176 -0.22 -25.32 -28.83
N GLN B 177 -1.14 -24.88 -27.97
CA GLN B 177 -0.82 -23.78 -27.07
C GLN B 177 0.08 -24.26 -25.95
N ILE B 178 -0.15 -25.48 -25.47
CA ILE B 178 0.68 -26.06 -24.43
C ILE B 178 2.13 -26.14 -24.91
N ASN B 179 2.30 -26.63 -26.13
CA ASN B 179 3.64 -26.73 -26.72
C ASN B 179 4.23 -25.36 -27.00
N MET B 180 3.39 -24.41 -27.39
CA MET B 180 3.85 -23.05 -27.65
C MET B 180 4.36 -22.42 -26.35
N ILE B 181 3.65 -22.64 -25.25
CA ILE B 181 4.07 -22.12 -23.96
C ILE B 181 5.47 -22.65 -23.63
N LYS B 182 5.64 -23.97 -23.72
CA LYS B 182 6.94 -24.59 -23.43
C LYS B 182 8.06 -24.05 -24.30
N TRP B 183 7.78 -23.83 -25.57
CA TRP B 183 8.79 -23.37 -26.51
C TRP B 183 9.25 -21.97 -26.15
N ILE B 184 8.30 -21.12 -25.78
CA ILE B 184 8.61 -19.74 -25.42
C ILE B 184 9.41 -19.68 -24.11
N LYS B 185 9.00 -20.46 -23.12
CA LYS B 185 9.68 -20.46 -21.83
C LYS B 185 11.12 -20.93 -21.99
N GLU B 186 11.35 -21.83 -22.93
CA GLU B 186 12.70 -22.33 -23.20
C GLU B 186 13.49 -21.33 -24.05
N THR B 187 12.84 -20.80 -25.08
CA THR B 187 13.52 -19.94 -26.05
C THR B 187 13.68 -18.52 -25.54
N PHE B 188 12.62 -17.99 -24.94
CA PHE B 188 12.61 -16.63 -24.40
C PHE B 188 12.26 -16.64 -22.91
N PRO B 189 13.20 -17.08 -22.06
CA PRO B 189 12.93 -17.21 -20.62
C PRO B 189 12.51 -15.91 -19.95
N ASP B 190 13.06 -14.78 -20.40
CA ASP B 190 12.75 -13.49 -19.80
C ASP B 190 11.30 -13.08 -20.07
N LEU B 191 10.80 -13.44 -21.24
CA LEU B 191 9.47 -13.02 -21.69
C LEU B 191 8.35 -13.61 -20.83
N GLN B 192 7.38 -12.78 -20.49
CA GLN B 192 6.22 -13.22 -19.72
C GLN B 192 5.12 -13.71 -20.65
N VAL B 193 4.51 -14.82 -20.31
CA VAL B 193 3.51 -15.47 -21.17
C VAL B 193 2.15 -15.54 -20.51
N ILE B 194 1.15 -14.96 -21.18
CA ILE B 194 -0.24 -15.07 -20.76
C ILE B 194 -0.95 -16.05 -21.69
N ALA B 195 -1.44 -17.14 -21.11
CA ALA B 195 -2.10 -18.20 -21.88
C ALA B 195 -3.62 -18.13 -21.71
N GLY B 196 -4.34 -18.70 -22.66
CA GLY B 196 -5.79 -18.69 -22.61
C GLY B 196 -6.42 -18.74 -24.00
N ASN B 197 -7.73 -18.57 -24.09
CA ASN B 197 -8.60 -18.34 -22.93
C ASN B 197 -9.05 -19.63 -22.25
N VAL B 198 -9.40 -19.50 -20.97
CA VAL B 198 -9.88 -20.63 -20.18
C VAL B 198 -11.08 -20.20 -19.35
N VAL B 199 -11.89 -21.17 -18.93
CA VAL B 199 -13.03 -20.90 -18.06
C VAL B 199 -13.24 -22.00 -17.03
N THR B 200 -12.42 -23.03 -17.05
CA THR B 200 -12.53 -24.13 -16.08
C THR B 200 -11.25 -24.38 -15.31
N ARG B 201 -11.41 -25.07 -14.18
CA ARG B 201 -10.30 -25.45 -13.32
C ARG B 201 -9.30 -26.34 -14.06
N GLU B 202 -9.83 -27.27 -14.85
CA GLU B 202 -9.00 -28.24 -15.56
C GLU B 202 -8.17 -27.57 -16.64
N GLN B 203 -8.76 -26.60 -17.33
CA GLN B 203 -8.02 -25.83 -18.34
C GLN B 203 -6.87 -25.08 -17.69
N ALA B 204 -7.15 -24.45 -16.57
CA ALA B 204 -6.16 -23.66 -15.85
C ALA B 204 -4.97 -24.51 -15.43
N ALA B 205 -5.25 -25.66 -14.82
CA ALA B 205 -4.19 -26.55 -14.35
C ALA B 205 -3.26 -26.95 -15.47
N SER B 206 -3.85 -27.21 -16.64
CA SER B 206 -3.10 -27.65 -17.80
C SER B 206 -2.11 -26.59 -18.26
N LEU B 207 -2.55 -25.34 -18.33
CA LEU B 207 -1.72 -24.26 -18.85
C LEU B 207 -0.76 -23.72 -17.80
N ILE B 208 -1.13 -23.82 -16.53
CA ILE B 208 -0.23 -23.47 -15.45
C ILE B 208 0.92 -24.47 -15.42
N HIS B 209 0.57 -25.74 -15.56
CA HIS B 209 1.56 -26.81 -15.60
C HIS B 209 2.49 -26.64 -16.80
N ALA B 210 1.97 -26.03 -17.86
CA ALA B 210 2.76 -25.80 -19.07
C ALA B 210 3.79 -24.70 -18.85
N GLY B 211 3.49 -23.79 -17.92
CA GLY B 211 4.43 -22.74 -17.53
C GLY B 211 3.93 -21.34 -17.79
N ALA B 212 2.61 -21.16 -17.83
CA ALA B 212 2.02 -19.85 -18.03
C ALA B 212 2.34 -18.92 -16.87
N ASP B 213 2.56 -17.64 -17.18
CA ASP B 213 2.84 -16.63 -16.17
C ASP B 213 1.57 -15.86 -15.80
N GLY B 214 0.52 -16.07 -16.57
CA GLY B 214 -0.77 -15.46 -16.30
C GLY B 214 -1.84 -16.16 -17.12
N LEU B 215 -3.09 -15.97 -16.75
CA LEU B 215 -4.21 -16.60 -17.44
C LEU B 215 -5.23 -15.56 -17.91
N ARG B 216 -5.77 -15.80 -19.10
CA ARG B 216 -6.82 -14.97 -19.66
C ARG B 216 -8.14 -15.72 -19.54
N ILE B 217 -9.07 -15.16 -18.77
CA ILE B 217 -10.33 -15.85 -18.47
C ILE B 217 -11.49 -15.29 -19.26
N GLY B 218 -12.25 -16.18 -19.88
CA GLY B 218 -13.46 -15.79 -20.59
C GLY B 218 -13.74 -16.62 -21.81
N MET B 219 -15.00 -16.97 -22.00
CA MET B 219 -15.43 -17.65 -23.22
C MET B 219 -16.91 -17.43 -23.46
N GLY B 220 -17.22 -16.50 -24.37
CA GLY B 220 -18.60 -16.23 -24.75
C GLY B 220 -19.15 -14.93 -24.20
N SER B 221 -18.39 -14.30 -23.31
CA SER B 221 -18.88 -13.13 -22.58
C SER B 221 -18.64 -11.80 -23.32
N GLY B 222 -17.93 -11.86 -24.43
CA GLY B 222 -17.64 -10.66 -25.20
C GLY B 222 -18.89 -10.01 -25.78
N SER B 223 -18.89 -8.67 -25.82
CA SER B 223 -20.01 -7.91 -26.36
C SER B 223 -20.26 -8.21 -27.82
N ILE B 224 -19.20 -8.59 -28.53
CA ILE B 224 -19.28 -8.90 -29.97
C ILE B 224 -19.16 -10.40 -30.21
N CYS B 225 -19.14 -11.18 -29.13
CA CYS B 225 -18.87 -12.60 -29.19
C CYS B 225 -20.15 -13.44 -29.19
N ILE B 226 -20.22 -14.43 -30.08
CA ILE B 226 -21.38 -15.32 -30.19
C ILE B 226 -20.96 -16.79 -30.12
N THR B 227 -19.80 -17.05 -29.52
CA THR B 227 -19.27 -18.39 -29.40
C THR B 227 -20.26 -19.34 -28.72
N GLN B 228 -20.83 -18.90 -27.60
CA GLN B 228 -21.77 -19.72 -26.85
C GLN B 228 -22.98 -20.11 -27.69
N GLU B 229 -23.34 -19.25 -28.63
CA GLU B 229 -24.52 -19.49 -29.46
C GLU B 229 -24.26 -20.54 -30.53
N VAL B 230 -23.08 -20.49 -31.14
CA VAL B 230 -22.77 -21.35 -32.29
C VAL B 230 -21.95 -22.58 -31.90
N MET B 231 -21.30 -22.54 -30.74
CA MET B 231 -20.49 -23.67 -30.26
C MET B 231 -21.13 -24.35 -29.05
N ALA B 232 -22.13 -23.71 -28.45
CA ALA B 232 -22.75 -24.21 -27.23
C ALA B 232 -21.71 -24.37 -26.13
N CYS B 233 -20.60 -23.67 -26.27
CA CYS B 233 -19.46 -23.84 -25.37
C CYS B 233 -18.98 -22.49 -24.83
N GLY B 234 -18.81 -22.44 -23.51
CA GLY B 234 -18.39 -21.23 -22.84
C GLY B 234 -18.75 -21.32 -21.38
N ARG B 235 -18.80 -20.18 -20.71
CA ARG B 235 -19.19 -20.14 -19.30
C ARG B 235 -19.56 -18.71 -18.91
N PRO B 236 -20.52 -18.56 -17.98
CA PRO B 236 -20.79 -17.23 -17.43
C PRO B 236 -19.53 -16.63 -16.83
N GLN B 237 -19.24 -15.38 -17.15
CA GLN B 237 -17.94 -14.78 -16.83
C GLN B 237 -17.66 -14.83 -15.33
N GLY B 238 -18.63 -14.43 -14.53
CA GLY B 238 -18.47 -14.42 -13.08
C GLY B 238 -18.09 -15.79 -12.56
N THR B 239 -18.80 -16.82 -13.02
CA THR B 239 -18.53 -18.19 -12.59
C THR B 239 -17.17 -18.64 -13.08
N ALA B 240 -16.81 -18.24 -14.30
CA ALA B 240 -15.53 -18.60 -14.88
C ALA B 240 -14.38 -18.02 -14.06
N VAL B 241 -14.50 -16.75 -13.70
CA VAL B 241 -13.44 -16.08 -12.95
C VAL B 241 -13.23 -16.73 -11.59
N TYR B 242 -14.31 -17.04 -10.88
CA TYR B 242 -14.20 -17.59 -9.54
C TYR B 242 -13.53 -18.96 -9.52
N ASN B 243 -14.05 -19.88 -10.32
CA ASN B 243 -13.55 -21.26 -10.30
C ASN B 243 -12.11 -21.38 -10.81
N VAL B 244 -11.77 -20.55 -11.79
CA VAL B 244 -10.41 -20.56 -12.34
C VAL B 244 -9.43 -19.94 -11.35
N THR B 245 -9.76 -18.76 -10.83
CA THR B 245 -8.85 -18.03 -9.94
C THR B 245 -8.71 -18.70 -8.58
N GLN B 246 -9.77 -19.35 -8.12
CA GLN B 246 -9.72 -20.10 -6.86
C GLN B 246 -8.60 -21.12 -6.94
N PHE B 247 -8.37 -21.61 -8.14
CA PHE B 247 -7.31 -22.58 -8.40
C PHE B 247 -5.99 -21.88 -8.70
N ALA B 248 -6.01 -20.97 -9.68
CA ALA B 248 -4.78 -20.34 -10.18
C ALA B 248 -4.06 -19.52 -9.11
N ASN B 249 -4.83 -18.88 -8.22
CA ASN B 249 -4.23 -18.04 -7.19
C ASN B 249 -3.40 -18.86 -6.20
N GLN B 250 -3.73 -20.14 -6.06
CA GLN B 250 -2.97 -21.02 -5.18
C GLN B 250 -1.55 -21.21 -5.71
N PHE B 251 -1.37 -20.92 -6.99
CA PHE B 251 -0.08 -21.08 -7.65
C PHE B 251 0.57 -19.73 -7.94
N GLY B 252 -0.06 -18.66 -7.46
CA GLY B 252 0.46 -17.32 -7.67
C GLY B 252 0.44 -16.93 -9.14
N VAL B 253 -0.56 -17.41 -9.86
CA VAL B 253 -0.73 -17.09 -11.27
C VAL B 253 -1.85 -16.07 -11.45
N PRO B 254 -1.50 -14.80 -11.75
CA PRO B 254 -2.53 -13.78 -11.94
C PRO B 254 -3.43 -14.07 -13.13
N CYS B 255 -4.71 -13.73 -13.01
CA CYS B 255 -5.68 -13.98 -14.06
C CYS B 255 -6.35 -12.72 -14.56
N ILE B 256 -6.52 -12.64 -15.87
CA ILE B 256 -7.23 -11.53 -16.51
C ILE B 256 -8.68 -11.90 -16.75
N ALA B 257 -9.59 -11.09 -16.21
CA ALA B 257 -11.02 -11.25 -16.49
C ALA B 257 -11.34 -10.57 -17.81
N ASP B 258 -11.53 -11.38 -18.86
CA ASP B 258 -11.65 -10.88 -20.22
C ASP B 258 -13.03 -11.11 -20.82
N GLY B 259 -13.74 -10.02 -21.09
CA GLY B 259 -15.02 -10.08 -21.75
C GLY B 259 -16.17 -9.78 -20.80
N GLY B 260 -17.20 -9.12 -21.34
CA GLY B 260 -18.40 -8.84 -20.58
C GLY B 260 -18.28 -7.66 -19.63
N VAL B 261 -17.13 -7.00 -19.67
CA VAL B 261 -16.91 -5.81 -18.85
C VAL B 261 -17.47 -4.61 -19.58
N GLN B 262 -18.30 -3.83 -18.88
CA GLN B 262 -19.01 -2.71 -19.50
C GLN B 262 -19.04 -1.49 -18.61
N ASN B 263 -18.73 -1.66 -17.33
CA ASN B 263 -18.69 -0.55 -16.40
C ASN B 263 -17.77 -0.82 -15.22
N ILE B 264 -17.63 0.18 -14.35
CA ILE B 264 -16.75 0.08 -13.20
C ILE B 264 -17.22 -1.02 -12.27
N GLY B 265 -18.53 -1.20 -12.18
CA GLY B 265 -19.11 -2.21 -11.32
C GLY B 265 -18.64 -3.60 -11.68
N HIS B 266 -18.54 -3.87 -12.98
CA HIS B 266 -18.08 -5.16 -13.47
C HIS B 266 -16.63 -5.40 -13.09
N ILE B 267 -15.85 -4.32 -13.06
CA ILE B 267 -14.44 -4.40 -12.73
C ILE B 267 -14.28 -4.77 -11.25
N THR B 268 -15.04 -4.10 -10.39
CA THR B 268 -15.01 -4.37 -8.96
C THR B 268 -15.38 -5.82 -8.67
N LYS B 269 -16.42 -6.30 -9.34
CA LYS B 269 -16.91 -7.65 -9.14
C LYS B 269 -15.94 -8.68 -9.70
N ALA B 270 -15.33 -8.36 -10.84
CA ALA B 270 -14.35 -9.25 -11.45
C ALA B 270 -13.21 -9.52 -10.49
N ILE B 271 -12.70 -8.45 -9.87
CA ILE B 271 -11.61 -8.56 -8.93
C ILE B 271 -12.06 -9.27 -7.66
N ALA B 272 -13.28 -8.97 -7.22
CA ALA B 272 -13.84 -9.61 -6.03
C ALA B 272 -13.85 -11.13 -6.19
N LEU B 273 -14.11 -11.60 -7.40
CA LEU B 273 -14.22 -13.03 -7.66
C LEU B 273 -12.85 -13.69 -7.87
N GLY B 274 -11.79 -12.88 -7.94
CA GLY B 274 -10.43 -13.41 -7.94
C GLY B 274 -9.53 -12.90 -9.03
N ALA B 275 -10.10 -12.14 -9.97
CA ALA B 275 -9.30 -11.59 -11.06
C ALA B 275 -8.26 -10.61 -10.53
N SER B 276 -7.09 -10.60 -11.15
CA SER B 276 -6.03 -9.65 -10.78
C SER B 276 -6.14 -8.40 -11.66
N THR B 277 -6.50 -8.60 -12.92
CA THR B 277 -6.74 -7.50 -13.84
C THR B 277 -7.96 -7.82 -14.69
N VAL B 278 -8.42 -6.83 -15.46
CA VAL B 278 -9.57 -7.02 -16.35
C VAL B 278 -9.23 -6.51 -17.74
N MET B 279 -9.73 -7.22 -18.75
CA MET B 279 -9.52 -6.85 -20.14
C MET B 279 -10.80 -6.28 -20.74
N MET B 280 -10.64 -5.21 -21.51
CA MET B 280 -11.78 -4.51 -22.11
C MET B 280 -11.59 -4.33 -23.61
N GLY B 281 -12.65 -4.64 -24.36
CA GLY B 281 -12.67 -4.40 -25.80
C GLY B 281 -13.64 -3.30 -26.16
N GLY B 282 -14.93 -3.60 -26.01
CA GLY B 282 -15.98 -2.67 -26.40
C GLY B 282 -15.93 -1.34 -25.68
N MET B 283 -15.54 -1.37 -24.41
CA MET B 283 -15.46 -0.16 -23.60
C MET B 283 -14.41 0.80 -24.16
N LEU B 284 -13.33 0.25 -24.70
CA LEU B 284 -12.25 1.07 -25.24
C LEU B 284 -12.42 1.30 -26.74
N ALA B 285 -13.22 0.46 -27.39
CA ALA B 285 -13.58 0.69 -28.77
C ALA B 285 -14.38 1.99 -28.85
N GLY B 286 -14.17 2.75 -29.91
CA GLY B 286 -14.87 4.01 -30.08
C GLY B 286 -14.14 5.17 -29.43
N THR B 287 -13.03 4.89 -28.76
CA THR B 287 -12.20 5.94 -28.18
C THR B 287 -11.28 6.50 -29.24
N THR B 288 -10.74 7.69 -28.97
CA THR B 288 -9.88 8.37 -29.92
C THR B 288 -8.64 7.55 -30.23
N GLU B 289 -8.13 6.84 -29.23
CA GLU B 289 -6.89 6.11 -29.35
C GLU B 289 -7.07 4.75 -30.05
N SER B 290 -8.31 4.34 -30.25
CA SER B 290 -8.58 3.09 -30.93
C SER B 290 -8.30 3.25 -32.42
N PRO B 291 -8.04 2.13 -33.11
CA PRO B 291 -7.90 2.19 -34.57
C PRO B 291 -9.23 2.50 -35.25
N GLY B 292 -9.19 2.67 -36.57
CA GLY B 292 -10.40 2.92 -37.34
C GLY B 292 -10.85 4.36 -37.21
N GLU B 293 -11.54 4.84 -38.23
CA GLU B 293 -11.97 6.23 -38.29
C GLU B 293 -13.41 6.38 -37.79
N TYR B 294 -13.72 7.56 -37.26
CA TYR B 294 -15.08 7.88 -36.87
C TYR B 294 -15.95 8.06 -38.11
N PHE B 295 -17.21 7.68 -37.99
CA PHE B 295 -18.19 7.91 -39.04
C PHE B 295 -19.54 8.23 -38.42
N PHE B 296 -20.47 8.72 -39.24
CA PHE B 296 -21.78 9.12 -38.77
C PHE B 296 -22.87 8.22 -39.32
N ARG B 297 -23.79 7.83 -38.46
CA ARG B 297 -24.92 6.99 -38.85
C ARG B 297 -26.16 7.37 -38.04
N LYS B 300 -25.19 10.27 -35.28
CA LYS B 300 -24.40 9.73 -34.19
C LYS B 300 -22.99 9.38 -34.67
N ARG B 301 -21.99 9.87 -33.96
CA ARG B 301 -20.60 9.62 -34.31
C ARG B 301 -20.19 8.24 -33.81
N LEU B 302 -19.86 7.35 -34.74
CA LEU B 302 -19.59 5.95 -34.41
C LEU B 302 -18.22 5.49 -34.86
N LYS B 303 -17.77 4.39 -34.28
CA LYS B 303 -16.62 3.65 -34.77
C LYS B 303 -17.03 2.20 -34.95
N THR B 304 -16.34 1.50 -35.84
CA THR B 304 -16.58 0.07 -36.00
C THR B 304 -15.99 -0.67 -34.82
N TYR B 305 -16.75 -1.64 -34.31
CA TYR B 305 -16.24 -2.57 -33.32
C TYR B 305 -16.71 -3.96 -33.72
N ARG B 306 -15.76 -4.88 -33.83
CA ARG B 306 -16.05 -6.21 -34.36
C ARG B 306 -15.26 -7.29 -33.65
N GLY B 307 -15.88 -8.46 -33.49
CA GLY B 307 -15.18 -9.60 -32.95
C GLY B 307 -14.11 -10.06 -33.93
N MET B 308 -12.99 -10.54 -33.42
CA MET B 308 -11.90 -11.01 -34.26
C MET B 308 -12.27 -12.31 -34.96
N GLY B 309 -13.36 -12.94 -34.49
CA GLY B 309 -13.88 -14.14 -35.10
C GLY B 309 -14.97 -13.82 -36.11
N SER B 310 -15.20 -12.53 -36.34
CA SER B 310 -16.19 -12.09 -37.32
C SER B 310 -15.67 -12.34 -38.73
N ILE B 311 -16.59 -12.44 -39.69
CA ILE B 311 -16.20 -12.68 -41.08
C ILE B 311 -15.32 -11.55 -41.59
N ASP B 312 -15.69 -10.31 -41.26
CA ASP B 312 -14.89 -9.14 -41.64
C ASP B 312 -13.48 -9.23 -41.10
N ALA B 313 -13.36 -9.45 -39.78
CA ALA B 313 -12.06 -9.52 -39.12
C ALA B 313 -11.23 -10.67 -39.69
N MET B 314 -11.89 -11.80 -39.96
CA MET B 314 -11.22 -12.98 -40.49
C MET B 314 -10.78 -12.78 -41.94
N GLN B 315 -11.50 -11.93 -42.65
CA GLN B 315 -11.22 -11.70 -44.07
C GLN B 315 -10.23 -10.55 -44.25
N LYS B 316 -9.71 -10.03 -43.14
CA LYS B 316 -8.78 -8.91 -43.16
C LYS B 316 -9.41 -7.69 -43.83
N LEU B 336 -15.44 -19.01 -42.59
CA LEU B 336 -16.57 -19.87 -42.87
C LEU B 336 -17.57 -19.83 -41.71
N VAL B 337 -17.13 -20.26 -40.53
CA VAL B 337 -17.97 -20.25 -39.34
C VAL B 337 -17.61 -19.08 -38.45
N ALA B 338 -18.46 -18.06 -38.42
CA ALA B 338 -18.21 -16.88 -37.61
C ALA B 338 -18.47 -17.15 -36.13
N GLN B 339 -17.67 -16.55 -35.26
CA GLN B 339 -17.85 -16.65 -33.82
C GLN B 339 -17.89 -15.27 -33.15
N GLY B 340 -17.98 -14.24 -33.99
CA GLY B 340 -18.12 -12.87 -33.52
C GLY B 340 -18.89 -12.08 -34.56
N VAL B 341 -19.24 -10.85 -34.23
CA VAL B 341 -20.02 -9.99 -35.13
C VAL B 341 -19.31 -8.68 -35.39
N THR B 342 -19.67 -8.04 -36.50
CA THR B 342 -19.21 -6.68 -36.79
C THR B 342 -20.30 -5.71 -36.40
N GLY B 343 -19.94 -4.71 -35.61
CA GLY B 343 -20.90 -3.74 -35.15
C GLY B 343 -20.30 -2.35 -35.02
N SER B 344 -21.03 -1.47 -34.35
CA SER B 344 -20.59 -0.11 -34.14
C SER B 344 -20.79 0.29 -32.69
N VAL B 345 -19.94 1.21 -32.23
CA VAL B 345 -20.04 1.76 -30.89
C VAL B 345 -19.90 3.27 -30.98
N ILE B 346 -20.57 3.98 -30.09
CA ILE B 346 -20.54 5.44 -30.12
C ILE B 346 -19.18 5.97 -29.68
N ASP B 347 -18.86 7.17 -30.15
CA ASP B 347 -17.64 7.86 -29.75
C ASP B 347 -17.61 8.02 -28.24
N LYS B 348 -16.52 7.56 -27.62
CA LYS B 348 -16.37 7.61 -26.17
C LYS B 348 -15.38 8.69 -25.74
N GLY B 349 -14.69 9.29 -26.71
CA GLY B 349 -13.69 10.31 -26.42
C GLY B 349 -12.33 9.69 -26.17
N SER B 350 -11.42 10.46 -25.58
CA SER B 350 -10.05 10.01 -25.34
C SER B 350 -9.97 9.19 -24.06
N ILE B 351 -9.13 8.16 -24.06
CA ILE B 351 -8.93 7.34 -22.87
C ILE B 351 -8.14 8.11 -21.82
N LYS B 352 -7.63 9.27 -22.20
CA LYS B 352 -6.95 10.15 -21.26
C LYS B 352 -7.93 10.72 -20.24
N LYS B 353 -9.22 10.61 -20.55
CA LYS B 353 -10.28 11.05 -19.64
C LYS B 353 -11.09 9.87 -19.14
N TYR B 354 -11.14 8.80 -19.93
CA TYR B 354 -11.95 7.63 -19.61
C TYR B 354 -11.29 6.75 -18.55
N ILE B 355 -9.99 6.52 -18.69
CA ILE B 355 -9.28 5.64 -17.76
C ILE B 355 -9.21 6.24 -16.34
N PRO B 356 -8.91 7.55 -16.23
CA PRO B 356 -8.95 8.15 -14.89
C PRO B 356 -10.32 8.02 -14.24
N TYR B 357 -11.37 8.10 -15.04
CA TYR B 357 -12.74 7.93 -14.55
C TYR B 357 -12.93 6.52 -13.98
N LEU B 358 -12.44 5.53 -14.72
CA LEU B 358 -12.47 4.16 -14.23
C LEU B 358 -11.62 4.01 -12.99
N TYR B 359 -10.44 4.63 -13.01
CA TYR B 359 -9.50 4.58 -11.90
C TYR B 359 -10.10 5.14 -10.62
N ASN B 360 -10.54 6.39 -10.69
CA ASN B 360 -11.13 7.04 -9.53
C ASN B 360 -12.43 6.38 -9.11
N GLY B 361 -13.16 5.84 -10.09
CA GLY B 361 -14.41 5.16 -9.81
C GLY B 361 -14.18 3.88 -9.03
N LEU B 362 -13.12 3.16 -9.37
CA LEU B 362 -12.79 1.92 -8.69
C LEU B 362 -12.29 2.21 -7.28
N GLN B 363 -11.62 3.34 -7.11
CA GLN B 363 -11.17 3.77 -5.79
C GLN B 363 -12.36 3.99 -4.86
N HIS B 364 -13.36 4.70 -5.36
CA HIS B 364 -14.57 4.95 -4.59
C HIS B 364 -15.30 3.65 -4.30
N SER B 365 -15.25 2.73 -5.24
CA SER B 365 -15.91 1.43 -5.08
C SER B 365 -15.27 0.67 -3.93
N CYS B 366 -13.95 0.64 -3.92
CA CYS B 366 -13.21 0.00 -2.85
C CYS B 366 -13.50 0.65 -1.51
N GLN B 367 -13.66 1.97 -1.52
CA GLN B 367 -13.94 2.72 -0.31
C GLN B 367 -15.29 2.31 0.28
N ASP B 368 -16.32 2.29 -0.56
CA ASP B 368 -17.65 1.88 -0.12
C ASP B 368 -17.63 0.49 0.49
N ILE B 369 -16.80 -0.37 -0.07
CA ILE B 369 -16.68 -1.75 0.40
C ILE B 369 -15.84 -1.79 1.67
N GLY B 370 -14.96 -0.81 1.84
CA GLY B 370 -14.17 -0.68 3.05
C GLY B 370 -12.80 -1.30 2.94
N VAL B 371 -12.25 -1.33 1.73
CA VAL B 371 -10.92 -1.90 1.50
C VAL B 371 -9.99 -0.82 0.94
N ARG B 372 -8.74 -0.84 1.38
CA ARG B 372 -7.78 0.21 1.06
C ARG B 372 -6.90 -0.13 -0.13
N SER B 373 -7.03 -1.36 -0.62
CA SER B 373 -6.26 -1.79 -1.79
C SER B 373 -6.86 -3.06 -2.37
N LEU B 374 -6.46 -3.40 -3.59
CA LEU B 374 -6.95 -4.60 -4.25
C LEU B 374 -6.35 -5.86 -3.61
N VAL B 375 -5.19 -5.70 -2.99
CA VAL B 375 -4.57 -6.79 -2.25
C VAL B 375 -5.42 -7.11 -1.03
N GLU B 376 -5.78 -6.09 -0.27
CA GLU B 376 -6.64 -6.26 0.89
C GLU B 376 -8.01 -6.75 0.46
N PHE B 377 -8.47 -6.25 -0.68
CA PHE B 377 -9.75 -6.66 -1.25
C PHE B 377 -9.79 -8.18 -1.41
N ARG B 378 -8.75 -8.72 -2.01
CA ARG B 378 -8.61 -10.16 -2.23
C ARG B 378 -8.64 -10.91 -0.91
N GLU B 379 -7.85 -10.44 0.06
CA GLU B 379 -7.72 -11.13 1.34
C GLU B 379 -9.04 -11.12 2.11
N LYS B 380 -9.71 -9.97 2.14
CA LYS B 380 -10.93 -9.84 2.91
C LYS B 380 -12.08 -10.64 2.29
N VAL B 381 -12.04 -10.84 0.98
CA VAL B 381 -13.03 -11.67 0.31
C VAL B 381 -12.81 -13.13 0.66
N ASP B 382 -11.58 -13.59 0.53
CA ASP B 382 -11.25 -14.99 0.75
C ASP B 382 -11.41 -15.37 2.23
N SER B 383 -11.33 -14.37 3.10
CA SER B 383 -11.49 -14.59 4.54
C SER B 383 -12.96 -14.55 4.94
N GLY B 384 -13.80 -14.03 4.05
CA GLY B 384 -15.24 -13.96 4.30
C GLY B 384 -15.66 -12.68 4.97
N SER B 385 -14.75 -11.69 5.02
CA SER B 385 -15.05 -10.40 5.60
C SER B 385 -15.95 -9.59 4.68
N VAL B 386 -15.59 -9.55 3.41
CA VAL B 386 -16.43 -8.92 2.40
C VAL B 386 -17.64 -9.80 2.17
N ARG B 387 -18.81 -9.19 2.11
CA ARG B 387 -20.07 -9.92 1.98
C ARG B 387 -20.76 -9.58 0.66
N PHE B 388 -21.57 -10.50 0.18
CA PHE B 388 -22.25 -10.35 -1.10
C PHE B 388 -23.75 -10.60 -0.96
N GLU B 389 -24.49 -10.26 -2.01
CA GLU B 389 -25.92 -10.47 -2.05
C GLU B 389 -26.39 -10.75 -3.48
N PHE B 390 -27.28 -11.72 -3.64
CA PHE B 390 -27.86 -12.00 -4.94
C PHE B 390 -28.71 -10.83 -5.40
N ARG B 391 -29.06 -10.83 -6.68
CA ARG B 391 -29.99 -9.85 -7.22
C ARG B 391 -31.03 -10.54 -8.08
N THR B 392 -32.28 -10.47 -7.65
CA THR B 392 -33.39 -10.95 -8.46
C THR B 392 -33.55 -10.02 -9.66
N PRO B 393 -34.24 -10.49 -10.71
CA PRO B 393 -34.52 -9.63 -11.86
C PRO B 393 -35.20 -8.31 -11.46
N SER B 394 -36.08 -8.36 -10.47
CA SER B 394 -36.73 -7.16 -9.96
C SER B 394 -35.72 -6.24 -9.28
N ALA B 395 -34.82 -6.83 -8.50
CA ALA B 395 -33.79 -6.08 -7.79
C ALA B 395 -32.82 -5.42 -8.76
N GLN B 396 -32.63 -6.03 -9.92
CA GLN B 396 -31.76 -5.48 -10.95
C GLN B 396 -32.42 -4.29 -11.63
N LEU B 397 -33.73 -4.38 -11.83
CA LEU B 397 -34.49 -3.27 -12.38
C LEU B 397 -34.50 -2.12 -11.40
N GLU B 398 -34.72 -2.45 -10.13
CA GLU B 398 -34.68 -1.46 -9.06
C GLU B 398 -33.29 -0.85 -8.95
N GLY B 399 -32.27 -1.67 -9.17
CA GLY B 399 -30.88 -1.23 -9.07
C GLY B 399 -30.52 -0.25 -10.17
N GLY B 400 -31.11 -0.45 -11.35
CA GLY B 400 -30.89 0.44 -12.47
C GLY B 400 -31.81 1.64 -12.40
N VAL B 401 -31.76 2.47 -13.44
CA VAL B 401 -32.69 3.60 -13.56
C VAL B 401 -34.07 3.04 -13.85
N HIS B 402 -35.08 3.53 -13.15
CA HIS B 402 -36.44 3.05 -13.35
C HIS B 402 -37.49 4.13 -13.12
N ASN B 403 -38.60 4.01 -13.85
CA ASN B 403 -39.76 4.86 -13.67
C ASN B 403 -39.47 6.34 -13.86
N LEU B 404 -38.79 6.66 -14.96
CA LEU B 404 -38.59 8.04 -15.38
C LEU B 404 -39.14 8.22 -16.79
N HIS B 405 -39.70 9.39 -17.07
CA HIS B 405 -40.18 9.69 -18.40
C HIS B 405 -39.02 9.67 -19.38
N SER B 406 -37.89 10.21 -18.94
CA SER B 406 -36.69 10.25 -19.76
C SER B 406 -35.49 10.59 -18.90
N TYR B 407 -34.29 10.31 -19.40
CA TYR B 407 -33.07 10.62 -18.67
C TYR B 407 -31.84 10.58 -19.57
N GLU B 408 -30.83 11.35 -19.19
CA GLU B 408 -29.53 11.34 -19.87
C GLU B 408 -28.47 10.78 -18.94
N LYS B 409 -27.75 9.76 -19.40
CA LYS B 409 -26.78 9.07 -18.56
C LYS B 409 -25.37 9.62 -18.78
N ARG B 410 -25.08 10.75 -18.14
CA ARG B 410 -23.75 11.36 -18.20
C ARG B 410 -22.90 10.80 -17.07
N LEU B 411 -22.00 9.87 -17.39
CA LEU B 411 -21.16 9.20 -16.37
C LEU B 411 -20.08 10.07 -15.73
N PHE B 412 -19.51 10.99 -16.49
CA PHE B 412 -18.46 11.86 -15.96
C PHE B 412 -18.38 13.16 -16.73
P IMP C . 16.45 6.96 23.81
O1P IMP C . 17.18 5.96 24.66
O2P IMP C . 16.47 8.38 24.33
O3P IMP C . 15.13 6.48 23.26
O5' IMP C . 17.29 7.02 22.47
C5' IMP C . 17.60 5.84 21.75
C4' IMP C . 18.18 6.16 20.40
O4' IMP C . 19.52 6.69 20.55
C3' IMP C . 18.35 4.99 19.46
O3' IMP C . 17.15 4.63 18.80
C2' IMP C . 19.44 5.48 18.51
O2' IMP C . 18.90 6.34 17.52
C1' IMP C . 20.31 6.32 19.44
N9 IMP C . 21.46 5.56 19.95
N9 IMP C . 21.47 5.56 19.93
C8 IMP C . 21.46 4.36 20.66
C8 IMP C . 21.52 4.23 20.37
N7 IMP C . 22.70 3.93 20.98
N7 IMP C . 22.76 3.86 20.75
C5 IMP C . 23.52 4.93 20.46
C5 IMP C . 23.52 5.00 20.56
C6 IMP C . 24.93 4.98 20.53
C6 IMP C . 24.91 5.14 20.82
O6 IMP C . 25.70 4.19 21.04
O6 IMP C . 25.70 4.33 21.25
N1 IMP C . 25.47 6.12 19.89
N1 IMP C . 25.38 6.45 20.52
C2 IMP C . 24.66 7.07 19.28
C2 IMP C . 24.53 7.44 20.02
N3 IMP C . 23.34 7.06 19.20
N3 IMP C . 23.24 7.34 19.77
C4 IMP C . 22.77 5.94 19.82
C4 IMP C . 22.75 6.07 20.06
H5'1 IMP C . 16.84 5.28 21.56
H5'2 IMP C . 18.23 5.26 22.20
H4' IMP C . 17.62 6.85 20.00
H3' IMP C . 18.71 4.24 19.98
HO3' IMP C . 17.34 4.13 18.15
H2' IMP C . 19.96 4.75 18.13
HO2' IMP C . 19.18 6.06 16.77
H1' IMP C . 20.67 7.11 19.00
H8 IMP C . 20.68 3.91 20.87
H8 IMP C . 20.78 3.67 20.37
HN1 IMP C . 26.33 6.22 19.88
HN1 IMP C . 26.21 6.61 20.65
H2 IMP C . 25.08 7.79 18.89
H2 IMP C . 24.92 8.27 19.85
K K D . 22.31 12.17 24.89
P IMP E . -15.94 -7.14 -24.46
O1P IMP E . -17.20 -7.57 -23.72
O2P IMP E . -16.17 -6.45 -25.77
O3P IMP E . -14.86 -6.51 -23.61
O5' IMP E . -15.22 -8.50 -24.83
C5' IMP E . -13.95 -8.50 -25.48
C4' IMP E . -13.32 -9.87 -25.45
O4' IMP E . -14.13 -10.80 -26.21
C3' IMP E . -11.95 -9.97 -26.10
O3' IMP E . -10.92 -9.52 -25.24
C2' IMP E . -11.86 -11.46 -26.44
O2' IMP E . -11.48 -12.21 -25.30
C1' IMP E . -13.31 -11.80 -26.77
N9 IMP E . -13.55 -11.81 -28.23
C8 IMP E . -13.25 -10.82 -29.16
N7 IMP E . -13.62 -11.15 -30.41
C5 IMP E . -14.18 -12.41 -30.26
C6 IMP E . -14.73 -13.22 -31.28
O6 IMP E . -14.82 -12.99 -32.48
N1 IMP E . -15.23 -14.45 -30.80
C2 IMP E . -15.15 -14.79 -29.45
N3 IMP E . -14.65 -14.06 -28.48
C4 IMP E . -14.15 -12.83 -28.92
H5'1 IMP E . -13.30 -7.92 -25.07
H5'2 IMP E . -13.98 -8.21 -26.41
H4' IMP E . -13.31 -10.16 -24.53
H3' IMP E . -11.97 -9.47 -26.93
HO3' IMP E . -10.17 -9.71 -25.60
H2' IMP E . -11.30 -11.62 -27.21
HO2' IMP E . -12.16 -12.28 -24.81
H1' IMP E . -13.57 -12.67 -26.45
H8 IMP E . -12.84 -10.01 -28.93
HN1 IMP E . -15.57 -15.00 -31.36
H2 IMP E . -15.49 -15.61 -29.22
K K F . -21.48 -12.54 -25.84
#